data_1W1T
#
_entry.id   1W1T
#
_cell.length_a   55.845
_cell.length_b   103.975
_cell.length_c   186.016
_cell.angle_alpha   90.00
_cell.angle_beta   90.00
_cell.angle_gamma   90.00
#
_symmetry.space_group_name_H-M   'P 21 21 21'
#
loop_
_entity.id
_entity.type
_entity.pdbx_description
1 polymer 'CHITINASE B'
2 non-polymer GLYCEROL
3 non-polymer 'SULFATE ION'
4 non-polymer 'CYCLO-(L-HISTIDINE-L-PROLINE) INHIBITOR'
5 water water
#
_entity_poly.entity_id   1
_entity_poly.type   'polypeptide(L)'
_entity_poly.pdbx_seq_one_letter_code
;MSTRKAVIGYYFIPTNQINNYTETDTSVVPFPVSNITPAKAKQLTHINFSFLDINSNLECAWDPATNDAKARDVVNRLTA
LKAHNPSLRIMFSIGGWYYSNDLGVSHANYVNAVKTPASRAKFAQSCVRIMKDYGFDGVDIDWEYPQAAEVDGFIAALQE
IRTLLNQQTITDGRQALPYQLTIAGAGGAFFLSRYYSKLAQIVAPLDYINLMTYDLAGPWEKVTNHQAALFGDAAGPTFY
NALREANLGWSWEELTRAFPSPFSLTVDAAVQQHLMMEGVPSAKIVMGVPFYGRAFKGVSGGNGGQYSSHSTPGEDPYPS
TDYWLVGCEECVRDKDPRIASYRQLEQMLQGNYGYQRLWNDKTKTPYLYHAQNGLFVTYDDAESFKYKAKYIKQQQLGGV
MFWHLGQDNRNGDLLAALDRYFNAADYDDSQLDMGTGLRYTGVGPGNLPIMTAPAYVPGTTYAQGALVSYQGYVWQTKWG
YITSAPGSDSAWLKVGRVA
;
_entity_poly.pdbx_strand_id   A,B
#
loop_
_chem_comp.id
_chem_comp.type
_chem_comp.name
_chem_comp.formula
CHQ non-polymer 'CYCLO-(L-HISTIDINE-L-PROLINE) INHIBITOR' 'C11 H14 N4 O2'
GOL non-polymer GLYCEROL 'C3 H8 O3'
SO4 non-polymer 'SULFATE ION' 'O4 S -2'
#
# COMPACT_ATOMS: atom_id res chain seq x y z
N THR A 3 -20.64 7.62 31.67
CA THR A 3 -21.71 7.82 30.65
C THR A 3 -22.42 6.49 30.43
N ARG A 4 -23.73 6.48 30.53
CA ARG A 4 -24.48 5.25 30.35
C ARG A 4 -24.20 4.61 28.98
N LYS A 5 -24.07 3.29 28.94
CA LYS A 5 -23.85 2.61 27.66
C LYS A 5 -25.18 2.57 26.90
N ALA A 6 -25.13 2.79 25.59
CA ALA A 6 -26.33 2.73 24.77
C ALA A 6 -26.77 1.26 24.67
N VAL A 7 -28.08 1.01 24.62
CA VAL A 7 -28.64 -0.33 24.44
C VAL A 7 -29.70 -0.05 23.37
N ILE A 8 -29.35 -0.41 22.15
CA ILE A 8 -30.17 -0.12 20.99
C ILE A 8 -30.81 -1.39 20.44
N GLY A 9 -32.12 -1.52 20.61
CA GLY A 9 -32.81 -2.69 20.10
C GLY A 9 -33.73 -2.39 18.93
N TYR A 10 -33.61 -3.19 17.87
CA TYR A 10 -34.46 -3.03 16.71
C TYR A 10 -35.85 -3.56 16.95
N TYR A 11 -36.86 -2.82 16.49
CA TYR A 11 -38.23 -3.31 16.57
C TYR A 11 -38.58 -3.35 15.10
N PHE A 12 -38.68 -4.55 14.53
CA PHE A 12 -38.98 -4.68 13.13
C PHE A 12 -40.40 -5.22 12.95
N ILE A 13 -41.15 -4.60 12.05
CA ILE A 13 -42.51 -5.06 11.83
C ILE A 13 -42.85 -4.96 10.35
N PRO A 14 -43.15 -6.11 9.71
CA PRO A 14 -43.49 -6.11 8.29
C PRO A 14 -44.77 -5.32 8.03
N THR A 15 -44.86 -4.77 6.83
CA THR A 15 -46.03 -3.99 6.45
C THR A 15 -47.35 -4.74 6.70
N ASN A 16 -47.40 -6.02 6.32
CA ASN A 16 -48.62 -6.80 6.52
C ASN A 16 -49.01 -6.87 7.97
N GLN A 17 -48.04 -6.83 8.88
CA GLN A 17 -48.38 -6.88 10.31
C GLN A 17 -48.85 -5.53 10.78
N ILE A 18 -48.27 -4.46 10.22
CA ILE A 18 -48.71 -3.13 10.61
C ILE A 18 -50.18 -2.97 10.19
N ASN A 19 -50.46 -3.31 8.94
CA ASN A 19 -51.80 -3.20 8.40
C ASN A 19 -52.84 -4.08 9.10
N ASN A 20 -52.38 -5.04 9.88
CA ASN A 20 -53.28 -5.95 10.59
C ASN A 20 -52.94 -5.97 12.06
N TYR A 21 -52.26 -4.91 12.47
CA TYR A 21 -51.82 -4.79 13.84
C TYR A 21 -52.80 -5.13 14.92
N THR A 22 -52.37 -5.99 15.83
CA THR A 22 -53.14 -6.40 16.99
C THR A 22 -52.17 -6.82 18.07
N GLU A 23 -52.55 -6.63 19.32
CA GLU A 23 -51.70 -6.99 20.45
C GLU A 23 -52.30 -8.17 21.20
N THR A 24 -53.37 -8.73 20.65
CA THR A 24 -54.02 -9.85 21.31
C THR A 24 -54.00 -11.14 20.52
N ASP A 25 -53.25 -11.18 19.44
CA ASP A 25 -53.18 -12.40 18.64
C ASP A 25 -51.82 -12.59 17.99
N THR A 26 -50.95 -13.34 18.65
CA THR A 26 -49.61 -13.55 18.15
C THR A 26 -49.56 -14.26 16.81
N SER A 27 -50.67 -14.90 16.42
CA SER A 27 -50.67 -15.57 15.13
C SER A 27 -50.63 -14.55 14.01
N VAL A 28 -50.99 -13.30 14.32
CA VAL A 28 -50.96 -12.22 13.33
C VAL A 28 -49.78 -11.28 13.60
N VAL A 29 -49.65 -10.82 14.84
CA VAL A 29 -48.51 -9.98 15.19
C VAL A 29 -47.82 -10.70 16.33
N PRO A 30 -46.77 -11.46 15.99
CA PRO A 30 -46.01 -12.23 16.99
C PRO A 30 -45.44 -11.36 18.11
N PHE A 31 -44.91 -10.19 17.77
CA PHE A 31 -44.32 -9.33 18.78
C PHE A 31 -44.87 -7.90 18.78
N PRO A 32 -46.05 -7.69 19.40
CA PRO A 32 -46.69 -6.37 19.47
C PRO A 32 -45.93 -5.44 20.41
N VAL A 33 -46.19 -4.14 20.32
CA VAL A 33 -45.47 -3.19 21.18
C VAL A 33 -45.74 -3.43 22.66
N SER A 34 -46.93 -3.94 23.00
CA SER A 34 -47.25 -4.21 24.40
C SER A 34 -46.32 -5.22 25.07
N ASN A 35 -45.55 -5.96 24.29
CA ASN A 35 -44.62 -6.93 24.88
C ASN A 35 -43.40 -6.18 25.40
N ILE A 36 -43.26 -4.93 24.99
CA ILE A 36 -42.15 -4.12 25.50
C ILE A 36 -42.71 -3.49 26.76
N THR A 37 -42.63 -4.24 27.86
CA THR A 37 -43.13 -3.79 29.15
C THR A 37 -42.31 -2.61 29.64
N PRO A 38 -42.81 -1.92 30.68
CA PRO A 38 -42.11 -0.76 31.25
C PRO A 38 -40.72 -1.16 31.67
N ALA A 39 -40.59 -2.36 32.23
CA ALA A 39 -39.28 -2.82 32.68
C ALA A 39 -38.30 -2.92 31.49
N LYS A 40 -38.79 -3.38 30.34
CA LYS A 40 -37.95 -3.51 29.16
C LYS A 40 -37.65 -2.13 28.60
N ALA A 41 -38.65 -1.24 28.62
CA ALA A 41 -38.42 0.11 28.09
C ALA A 41 -37.32 0.83 28.88
N LYS A 42 -37.22 0.54 30.17
CA LYS A 42 -36.20 1.16 31.02
C LYS A 42 -34.77 0.62 30.77
N GLN A 43 -34.71 -0.59 30.22
CA GLN A 43 -33.43 -1.24 29.93
C GLN A 43 -32.85 -0.85 28.56
N LEU A 44 -33.68 -0.24 27.72
CA LEU A 44 -33.25 0.23 26.41
C LEU A 44 -32.92 1.73 26.49
N THR A 45 -32.06 2.21 25.60
CA THR A 45 -31.77 3.63 25.51
C THR A 45 -32.36 4.05 24.17
N HIS A 46 -32.40 3.08 23.22
CA HIS A 46 -32.95 3.33 21.90
C HIS A 46 -33.69 2.11 21.34
N ILE A 47 -34.74 2.39 20.57
CA ILE A 47 -35.47 1.35 19.85
C ILE A 47 -35.40 1.85 18.40
N ASN A 48 -34.88 1.02 17.50
CA ASN A 48 -34.80 1.42 16.11
C ASN A 48 -36.02 0.82 15.40
N PHE A 49 -37.02 1.66 15.16
CA PHE A 49 -38.21 1.23 14.45
C PHE A 49 -37.81 0.96 13.03
N SER A 50 -38.21 -0.19 12.49
CA SER A 50 -37.79 -0.52 11.13
C SER A 50 -38.82 -1.36 10.38
N PHE A 51 -38.84 -1.28 9.04
CA PHE A 51 -37.95 -0.45 8.21
C PHE A 51 -38.69 0.53 7.30
N LEU A 52 -38.06 1.68 7.06
CA LEU A 52 -38.58 2.63 6.10
C LEU A 52 -37.60 2.48 4.94
N ASP A 53 -37.86 3.15 3.82
CA ASP A 53 -37.05 2.98 2.63
C ASP A 53 -36.83 4.32 1.94
N ILE A 54 -36.12 4.30 0.81
CA ILE A 54 -35.93 5.52 -0.01
C ILE A 54 -36.69 5.12 -1.29
N ASN A 55 -37.68 5.90 -1.71
CA ASN A 55 -38.46 5.57 -2.90
C ASN A 55 -37.88 6.10 -4.19
N SER A 56 -38.56 5.86 -5.32
CA SER A 56 -38.09 6.31 -6.62
C SER A 56 -38.05 7.83 -6.72
N ASN A 57 -38.77 8.50 -5.82
CA ASN A 57 -38.77 9.96 -5.81
C ASN A 57 -37.56 10.44 -5.01
N LEU A 58 -36.74 9.47 -4.58
CA LEU A 58 -35.51 9.72 -3.82
C LEU A 58 -35.70 10.38 -2.46
N GLU A 59 -36.81 10.04 -1.83
CA GLU A 59 -37.14 10.54 -0.52
C GLU A 59 -37.34 9.39 0.44
N CYS A 60 -37.17 9.71 1.72
CA CYS A 60 -37.39 8.74 2.76
C CYS A 60 -38.90 8.54 2.79
N ALA A 61 -39.34 7.28 2.90
CA ALA A 61 -40.77 7.02 2.91
C ALA A 61 -41.13 5.62 3.37
N TRP A 62 -42.36 5.47 3.83
CA TRP A 62 -42.85 4.18 4.25
C TRP A 62 -43.09 3.33 3.03
N ASP A 63 -43.30 2.04 3.25
CA ASP A 63 -43.62 1.09 2.20
C ASP A 63 -44.98 1.59 1.67
N PRO A 64 -45.13 1.76 0.35
CA PRO A 64 -46.41 2.22 -0.23
C PRO A 64 -47.65 1.49 0.25
N ALA A 65 -47.54 0.18 0.46
CA ALA A 65 -48.67 -0.65 0.91
C ALA A 65 -49.08 -0.41 2.35
N THR A 66 -48.31 0.40 3.05
CA THR A 66 -48.61 0.68 4.46
C THR A 66 -49.88 1.48 4.73
N ASN A 67 -50.66 1.02 5.70
CA ASN A 67 -51.87 1.70 6.16
C ASN A 67 -51.33 2.79 7.12
N ASP A 68 -51.36 4.05 6.71
CA ASP A 68 -50.82 5.13 7.52
C ASP A 68 -51.37 5.30 8.94
N ALA A 69 -52.69 5.18 9.10
CA ALA A 69 -53.27 5.33 10.43
C ALA A 69 -52.76 4.21 11.33
N LYS A 70 -52.60 3.01 10.76
CA LYS A 70 -52.10 1.87 11.51
C LYS A 70 -50.63 2.13 11.88
N ALA A 71 -49.83 2.54 10.90
CA ALA A 71 -48.42 2.84 11.13
C ALA A 71 -48.27 3.87 12.23
N ARG A 72 -48.98 4.99 12.11
CA ARG A 72 -48.91 6.04 13.13
C ARG A 72 -49.29 5.49 14.49
N ASP A 73 -50.29 4.62 14.54
CA ASP A 73 -50.70 4.07 15.81
C ASP A 73 -49.61 3.17 16.42
N VAL A 74 -48.91 2.43 15.58
CA VAL A 74 -47.84 1.55 16.07
C VAL A 74 -46.74 2.45 16.63
N VAL A 75 -46.31 3.42 15.83
CA VAL A 75 -45.26 4.35 16.25
C VAL A 75 -45.66 5.06 17.54
N ASN A 76 -46.91 5.52 17.63
CA ASN A 76 -47.37 6.18 18.86
C ASN A 76 -47.28 5.26 20.07
N ARG A 77 -47.52 3.96 19.90
CA ARG A 77 -47.41 3.04 21.04
C ARG A 77 -45.94 2.99 21.48
N LEU A 78 -45.04 3.03 20.51
CA LEU A 78 -43.60 2.99 20.82
C LEU A 78 -43.21 4.30 21.51
N THR A 79 -43.63 5.44 20.99
CA THR A 79 -43.22 6.68 21.65
C THR A 79 -43.85 6.85 23.03
N ALA A 80 -44.96 6.19 23.28
CA ALA A 80 -45.63 6.26 24.57
C ALA A 80 -44.76 5.62 25.62
N LEU A 81 -43.88 4.70 25.21
CA LEU A 81 -43.01 4.01 26.16
C LEU A 81 -42.06 4.98 26.83
N LYS A 82 -41.83 6.11 26.19
CA LYS A 82 -40.93 7.12 26.76
C LYS A 82 -41.40 7.57 28.13
N ALA A 83 -42.69 7.36 28.42
CA ALA A 83 -43.24 7.74 29.71
C ALA A 83 -42.53 6.95 30.79
N HIS A 84 -41.97 5.80 30.43
CA HIS A 84 -41.29 4.95 31.41
C HIS A 84 -39.81 5.18 31.53
N ASN A 85 -39.26 5.94 30.60
CA ASN A 85 -37.82 6.15 30.55
C ASN A 85 -37.49 7.44 29.82
N PRO A 86 -37.19 8.50 30.58
CA PRO A 86 -36.87 9.80 29.99
C PRO A 86 -35.64 9.85 29.06
N SER A 87 -34.83 8.81 29.04
CA SER A 87 -33.67 8.81 28.14
C SER A 87 -33.98 8.01 26.88
N LEU A 88 -35.12 7.31 26.86
CA LEU A 88 -35.47 6.49 25.70
C LEU A 88 -35.70 7.29 24.43
N ARG A 89 -35.16 6.80 23.31
CA ARG A 89 -35.36 7.43 22.02
C ARG A 89 -35.95 6.40 21.06
N ILE A 90 -36.99 6.78 20.32
CA ILE A 90 -37.54 5.87 19.31
C ILE A 90 -37.00 6.40 17.97
N MET A 91 -35.98 5.72 17.45
CA MET A 91 -35.37 6.08 16.18
C MET A 91 -36.18 5.37 15.10
N PHE A 92 -36.01 5.77 13.85
CA PHE A 92 -36.60 5.00 12.77
C PHE A 92 -35.41 4.72 11.87
N SER A 93 -35.38 3.52 11.28
CA SER A 93 -34.29 3.10 10.41
C SER A 93 -34.74 3.02 8.96
N ILE A 94 -33.88 3.48 8.07
CA ILE A 94 -34.14 3.46 6.64
C ILE A 94 -33.23 2.43 5.97
N GLY A 95 -33.82 1.50 5.23
CA GLY A 95 -33.01 0.54 4.52
C GLY A 95 -33.06 -0.89 4.97
N GLY A 96 -31.90 -1.40 5.37
CA GLY A 96 -31.82 -2.78 5.79
C GLY A 96 -31.37 -3.58 4.58
N TRP A 97 -30.95 -4.82 4.80
CA TRP A 97 -30.46 -5.66 3.73
C TRP A 97 -31.42 -5.83 2.55
N TYR A 98 -32.67 -6.15 2.84
CA TYR A 98 -33.66 -6.38 1.77
C TYR A 98 -33.78 -5.23 0.77
N TYR A 99 -34.00 -4.02 1.26
CA TYR A 99 -34.15 -2.85 0.40
C TYR A 99 -32.89 -2.34 -0.26
N SER A 100 -31.80 -2.32 0.51
CA SER A 100 -30.57 -1.71 0.06
C SER A 100 -29.35 -2.47 -0.38
N ASN A 101 -29.34 -3.80 -0.30
CA ASN A 101 -28.16 -4.54 -0.76
C ASN A 101 -28.02 -4.28 -2.28
N ASP A 102 -26.83 -4.49 -2.84
CA ASP A 102 -26.59 -4.25 -4.27
C ASP A 102 -27.70 -4.80 -5.19
N LEU A 103 -28.21 -5.98 -4.87
CA LEU A 103 -29.24 -6.59 -5.68
C LEU A 103 -30.64 -6.42 -5.06
N GLY A 104 -30.77 -5.50 -4.11
CA GLY A 104 -32.06 -5.28 -3.45
C GLY A 104 -33.03 -4.45 -4.27
N VAL A 105 -34.32 -4.63 -4.05
CA VAL A 105 -35.35 -3.91 -4.80
C VAL A 105 -35.23 -2.37 -4.89
N SER A 106 -34.68 -1.74 -3.86
CA SER A 106 -34.59 -0.28 -3.88
C SER A 106 -33.20 0.27 -4.01
N HIS A 107 -32.21 -0.58 -4.23
CA HIS A 107 -30.85 -0.13 -4.29
C HIS A 107 -30.57 1.15 -5.09
N ALA A 108 -31.16 1.23 -6.27
CA ALA A 108 -30.97 2.39 -7.15
C ALA A 108 -31.28 3.72 -6.47
N ASN A 109 -32.33 3.70 -5.66
CA ASN A 109 -32.76 4.91 -4.97
C ASN A 109 -31.72 5.42 -3.97
N TYR A 110 -31.00 4.51 -3.32
CA TYR A 110 -29.97 4.93 -2.37
C TYR A 110 -28.86 5.57 -3.16
N VAL A 111 -28.45 4.90 -4.23
CA VAL A 111 -27.37 5.43 -5.05
C VAL A 111 -27.72 6.80 -5.61
N ASN A 112 -28.93 6.95 -6.15
CA ASN A 112 -29.36 8.21 -6.74
C ASN A 112 -29.64 9.31 -5.73
N ALA A 113 -30.24 8.96 -4.59
CA ALA A 113 -30.56 9.97 -3.59
C ALA A 113 -29.36 10.79 -3.08
N VAL A 114 -28.17 10.19 -3.03
CA VAL A 114 -26.98 10.90 -2.52
C VAL A 114 -26.11 11.50 -3.63
N LYS A 115 -26.56 11.37 -4.87
CA LYS A 115 -25.83 11.86 -6.04
C LYS A 115 -25.45 13.35 -6.11
N THR A 116 -26.39 14.23 -5.83
CA THR A 116 -26.12 15.67 -5.96
C THR A 116 -26.55 16.53 -4.79
N PRO A 117 -26.06 17.77 -4.75
CA PRO A 117 -26.44 18.68 -3.66
C PRO A 117 -27.96 18.79 -3.54
N ALA A 118 -28.65 18.74 -4.68
CA ALA A 118 -30.10 18.83 -4.67
C ALA A 118 -30.78 17.53 -4.22
N SER A 119 -30.31 16.40 -4.73
CA SER A 119 -30.90 15.12 -4.33
C SER A 119 -30.65 14.94 -2.83
N ARG A 120 -29.45 15.30 -2.39
CA ARG A 120 -29.12 15.17 -0.97
C ARG A 120 -29.99 16.08 -0.11
N ALA A 121 -30.13 17.34 -0.52
CA ALA A 121 -30.97 18.29 0.21
C ALA A 121 -32.39 17.75 0.31
N LYS A 122 -32.93 17.28 -0.81
CA LYS A 122 -34.29 16.74 -0.82
C LYS A 122 -34.40 15.51 0.07
N PHE A 123 -33.42 14.61 -0.05
CA PHE A 123 -33.42 13.44 0.80
C PHE A 123 -33.32 13.79 2.28
N ALA A 124 -32.31 14.58 2.65
CA ALA A 124 -32.12 14.97 4.05
C ALA A 124 -33.40 15.59 4.61
N GLN A 125 -34.01 16.48 3.84
CA GLN A 125 -35.25 17.12 4.28
C GLN A 125 -36.36 16.08 4.55
N SER A 126 -36.51 15.08 3.69
CA SER A 126 -37.55 14.08 3.91
C SER A 126 -37.30 13.31 5.20
N CYS A 127 -36.04 13.05 5.53
CA CYS A 127 -35.70 12.31 6.74
C CYS A 127 -36.19 13.10 7.94
N VAL A 128 -35.85 14.38 7.97
CA VAL A 128 -36.30 15.18 9.08
C VAL A 128 -37.82 15.32 9.08
N ARG A 129 -38.43 15.46 7.91
CA ARG A 129 -39.87 15.63 7.84
C ARG A 129 -40.57 14.39 8.41
N ILE A 130 -40.10 13.23 7.98
CA ILE A 130 -40.67 11.97 8.47
C ILE A 130 -40.47 11.88 9.99
N MET A 131 -39.28 12.23 10.46
CA MET A 131 -39.01 12.17 11.91
C MET A 131 -40.04 13.00 12.70
N LYS A 132 -40.19 14.26 12.30
CA LYS A 132 -41.11 15.17 12.99
C LYS A 132 -42.59 14.75 12.90
N ASP A 133 -43.02 14.37 11.71
CA ASP A 133 -44.40 14.00 11.47
C ASP A 133 -44.85 12.78 12.26
N TYR A 134 -44.00 11.76 12.34
CA TYR A 134 -44.40 10.57 13.06
C TYR A 134 -44.01 10.57 14.53
N GLY A 135 -43.17 11.52 14.93
CA GLY A 135 -42.77 11.60 16.33
C GLY A 135 -41.52 10.82 16.70
N PHE A 136 -40.67 10.51 15.73
CA PHE A 136 -39.44 9.77 16.03
C PHE A 136 -38.40 10.72 16.66
N ASP A 137 -37.40 10.13 17.32
CA ASP A 137 -36.36 10.90 18.01
C ASP A 137 -35.02 10.96 17.32
N GLY A 138 -34.93 10.36 16.14
CA GLY A 138 -33.70 10.39 15.40
C GLY A 138 -33.84 9.57 14.13
N VAL A 139 -32.82 9.69 13.29
CA VAL A 139 -32.71 9.03 12.00
C VAL A 139 -31.59 8.00 12.00
N ASP A 140 -31.88 6.78 11.55
CA ASP A 140 -30.84 5.76 11.47
C ASP A 140 -30.85 5.27 10.03
N ILE A 141 -29.68 5.25 9.40
CA ILE A 141 -29.63 4.79 8.02
C ILE A 141 -28.86 3.48 7.94
N ASP A 142 -29.51 2.48 7.34
CA ASP A 142 -28.91 1.16 7.20
C ASP A 142 -28.72 0.75 5.73
N TRP A 143 -27.87 1.46 5.01
CA TRP A 143 -27.60 1.12 3.61
C TRP A 143 -26.47 0.07 3.60
N GLU A 144 -26.77 -1.12 3.10
CA GLU A 144 -25.76 -2.17 3.08
C GLU A 144 -25.33 -2.53 1.66
N TYR A 145 -24.36 -1.83 1.07
CA TYR A 145 -23.62 -0.71 1.66
C TYR A 145 -23.18 0.21 0.52
N PRO A 146 -22.91 1.49 0.82
CA PRO A 146 -22.47 2.38 -0.27
C PRO A 146 -21.12 1.88 -0.78
N GLN A 147 -20.89 1.97 -2.10
CA GLN A 147 -19.63 1.54 -2.68
C GLN A 147 -18.69 2.73 -2.80
N ALA A 148 -17.41 2.47 -3.03
CA ALA A 148 -16.39 3.53 -3.09
C ALA A 148 -16.80 4.85 -3.78
N ALA A 149 -17.33 4.78 -4.99
CA ALA A 149 -17.73 5.99 -5.71
C ALA A 149 -18.92 6.72 -5.11
N GLU A 150 -19.76 6.00 -4.36
CA GLU A 150 -20.95 6.56 -3.71
C GLU A 150 -20.67 7.13 -2.31
N VAL A 151 -19.51 6.79 -1.77
CA VAL A 151 -19.15 7.23 -0.43
C VAL A 151 -19.19 8.73 -0.18
N ASP A 152 -18.60 9.55 -1.05
CA ASP A 152 -18.62 10.99 -0.83
C ASP A 152 -20.04 11.54 -0.77
N GLY A 153 -20.92 10.99 -1.60
CA GLY A 153 -22.31 11.45 -1.62
C GLY A 153 -23.00 11.08 -0.32
N PHE A 154 -22.75 9.84 0.11
CA PHE A 154 -23.28 9.32 1.36
C PHE A 154 -22.82 10.22 2.52
N ILE A 155 -21.53 10.53 2.56
CA ILE A 155 -20.99 11.38 3.60
C ILE A 155 -21.70 12.73 3.58
N ALA A 156 -21.77 13.34 2.39
CA ALA A 156 -22.41 14.65 2.27
C ALA A 156 -23.85 14.59 2.73
N ALA A 157 -24.53 13.47 2.49
CA ALA A 157 -25.92 13.37 2.91
C ALA A 157 -26.03 13.33 4.43
N LEU A 158 -25.14 12.56 5.06
CA LEU A 158 -25.15 12.47 6.52
C LEU A 158 -24.87 13.85 7.11
N GLN A 159 -23.94 14.58 6.50
CA GLN A 159 -23.60 15.91 7.02
C GLN A 159 -24.80 16.84 6.94
N GLU A 160 -25.56 16.72 5.85
CA GLU A 160 -26.75 17.55 5.63
C GLU A 160 -27.81 17.17 6.67
N ILE A 161 -28.00 15.88 6.88
CA ILE A 161 -28.99 15.47 7.86
C ILE A 161 -28.57 15.98 9.25
N ARG A 162 -27.29 15.88 9.57
CA ARG A 162 -26.81 16.35 10.86
C ARG A 162 -27.10 17.84 11.04
N THR A 163 -26.81 18.64 10.01
CA THR A 163 -27.03 20.08 10.10
C THR A 163 -28.50 20.36 10.41
N LEU A 164 -29.38 19.71 9.67
CA LEU A 164 -30.81 19.91 9.87
C LEU A 164 -31.30 19.41 11.23
N LEU A 165 -30.78 18.26 11.68
CA LEU A 165 -31.19 17.74 12.98
C LEU A 165 -30.75 18.67 14.10
N ASN A 166 -29.53 19.20 14.00
CA ASN A 166 -29.04 20.07 15.06
C ASN A 166 -29.92 21.32 15.13
N GLN A 167 -30.32 21.84 13.98
CA GLN A 167 -31.22 23.00 13.95
C GLN A 167 -32.57 22.62 14.55
N GLN A 168 -33.07 21.42 14.24
CA GLN A 168 -34.36 21.02 14.76
C GLN A 168 -34.32 20.86 16.29
N THR A 169 -33.21 20.35 16.81
CA THR A 169 -33.06 20.18 18.25
C THR A 169 -33.19 21.53 18.95
N ILE A 170 -32.58 22.57 18.38
CA ILE A 170 -32.63 23.90 18.97
C ILE A 170 -34.05 24.46 18.85
N THR A 171 -34.62 24.32 17.66
CA THR A 171 -35.99 24.78 17.40
C THR A 171 -37.01 24.09 18.29
N ASP A 172 -36.72 22.85 18.70
CA ASP A 172 -37.66 22.13 19.53
C ASP A 172 -37.28 22.09 21.01
N GLY A 173 -36.22 22.83 21.37
CA GLY A 173 -35.78 22.87 22.75
C GLY A 173 -35.36 21.52 23.33
N ARG A 174 -34.76 20.67 22.49
CA ARG A 174 -34.35 19.31 22.90
C ARG A 174 -32.90 19.18 23.32
N GLN A 175 -32.31 20.26 23.82
CA GLN A 175 -30.94 20.22 24.28
C GLN A 175 -30.71 19.04 25.25
N ALA A 176 -31.71 18.69 26.05
CA ALA A 176 -31.59 17.60 27.02
C ALA A 176 -31.59 16.21 26.37
N LEU A 177 -32.21 16.09 25.20
CA LEU A 177 -32.28 14.80 24.49
C LEU A 177 -32.28 15.15 22.99
N PRO A 178 -31.11 15.59 22.48
CA PRO A 178 -30.98 15.98 21.07
C PRO A 178 -31.39 14.88 20.10
N TYR A 179 -31.86 15.31 18.93
CA TYR A 179 -32.24 14.37 17.90
C TYR A 179 -30.92 13.73 17.49
N GLN A 180 -30.97 12.45 17.15
CA GLN A 180 -29.73 11.78 16.78
C GLN A 180 -29.69 11.22 15.37
N LEU A 181 -28.48 10.91 14.93
CA LEU A 181 -28.22 10.33 13.61
C LEU A 181 -27.23 9.20 13.81
N THR A 182 -27.61 8.02 13.33
CA THR A 182 -26.77 6.85 13.44
C THR A 182 -26.86 6.05 12.14
N ILE A 183 -25.94 5.10 11.97
CA ILE A 183 -26.05 4.17 10.86
C ILE A 183 -25.68 2.79 11.41
N ALA A 184 -26.12 1.76 10.69
CA ALA A 184 -25.77 0.38 10.98
C ALA A 184 -24.60 0.23 10.02
N GLY A 185 -23.40 -0.02 10.55
CA GLY A 185 -22.25 -0.19 9.72
C GLY A 185 -21.85 -1.67 9.57
N ALA A 186 -21.06 -1.98 8.56
CA ALA A 186 -20.60 -3.34 8.33
C ALA A 186 -19.83 -3.82 9.55
N GLY A 187 -20.00 -5.09 9.89
CA GLY A 187 -19.28 -5.67 11.00
C GLY A 187 -18.25 -6.71 10.57
N GLY A 188 -17.90 -6.69 9.28
CA GLY A 188 -16.95 -7.61 8.69
C GLY A 188 -16.13 -6.87 7.64
N ALA A 189 -14.86 -7.23 7.51
CA ALA A 189 -13.94 -6.55 6.61
C ALA A 189 -14.32 -6.47 5.13
N PHE A 190 -14.92 -7.52 4.60
CA PHE A 190 -15.31 -7.50 3.21
C PHE A 190 -16.19 -6.31 2.85
N PHE A 191 -17.34 -6.16 3.52
CA PHE A 191 -18.22 -5.03 3.27
C PHE A 191 -17.63 -3.71 3.77
N LEU A 192 -16.94 -3.77 4.91
CA LEU A 192 -16.33 -2.56 5.47
C LEU A 192 -15.36 -1.92 4.47
N SER A 193 -14.62 -2.75 3.73
CA SER A 193 -13.65 -2.21 2.79
C SER A 193 -14.23 -1.26 1.73
N ARG A 194 -15.54 -1.24 1.55
CA ARG A 194 -16.17 -0.35 0.57
C ARG A 194 -16.02 1.14 0.91
N TYR A 195 -16.10 1.45 2.20
CA TYR A 195 -15.99 2.84 2.65
C TYR A 195 -14.96 3.05 3.75
N TYR A 196 -14.24 1.97 4.09
CA TYR A 196 -13.27 2.04 5.17
C TYR A 196 -12.34 3.26 5.14
N SER A 197 -11.83 3.59 3.96
CA SER A 197 -10.89 4.71 3.85
C SER A 197 -11.43 6.05 4.33
N LYS A 198 -12.75 6.22 4.28
CA LYS A 198 -13.36 7.48 4.72
C LYS A 198 -14.19 7.32 5.99
N LEU A 199 -13.81 6.37 6.85
CA LEU A 199 -14.51 6.10 8.10
C LEU A 199 -14.63 7.36 8.96
N ALA A 200 -13.54 8.13 9.09
CA ALA A 200 -13.60 9.33 9.92
C ALA A 200 -14.70 10.29 9.46
N GLN A 201 -14.81 10.52 8.16
CA GLN A 201 -15.85 11.42 7.64
C GLN A 201 -17.25 10.85 7.81
N ILE A 202 -17.38 9.54 7.66
CA ILE A 202 -18.68 8.89 7.83
C ILE A 202 -19.16 9.01 9.27
N VAL A 203 -18.26 8.79 10.22
CA VAL A 203 -18.60 8.83 11.64
C VAL A 203 -18.73 10.22 12.24
N ALA A 204 -18.12 11.23 11.62
CA ALA A 204 -18.18 12.59 12.20
C ALA A 204 -19.60 13.12 12.46
N PRO A 205 -20.51 12.98 11.49
CA PRO A 205 -21.87 13.50 11.74
C PRO A 205 -22.77 12.61 12.59
N LEU A 206 -22.27 11.45 13.01
CA LEU A 206 -23.09 10.49 13.76
C LEU A 206 -22.93 10.51 15.26
N ASP A 207 -23.99 10.10 15.97
CA ASP A 207 -23.89 9.95 17.41
C ASP A 207 -23.26 8.55 17.65
N TYR A 208 -23.61 7.60 16.78
CA TYR A 208 -23.10 6.23 16.89
C TYR A 208 -23.05 5.52 15.54
N ILE A 209 -22.09 4.61 15.41
CA ILE A 209 -22.03 3.75 14.25
C ILE A 209 -22.25 2.34 14.82
N ASN A 210 -23.37 1.73 14.45
CA ASN A 210 -23.75 0.43 15.01
C ASN A 210 -23.30 -0.71 14.11
N LEU A 211 -22.23 -1.36 14.54
CA LEU A 211 -21.61 -2.43 13.79
C LEU A 211 -22.43 -3.69 13.80
N MET A 212 -22.64 -4.27 12.63
CA MET A 212 -23.40 -5.51 12.55
C MET A 212 -22.36 -6.62 12.68
N THR A 213 -21.79 -6.69 13.88
CA THR A 213 -20.76 -7.67 14.18
C THR A 213 -21.36 -9.03 14.50
N TYR A 214 -22.06 -9.58 13.51
CA TYR A 214 -22.70 -10.88 13.56
C TYR A 214 -22.96 -11.29 12.09
N ASP A 215 -23.51 -12.47 11.87
CA ASP A 215 -23.65 -13.00 10.51
C ASP A 215 -22.23 -13.08 9.93
N LEU A 216 -21.25 -13.35 10.78
CA LEU A 216 -19.87 -13.46 10.28
C LEU A 216 -19.65 -14.90 9.79
N ALA A 217 -20.72 -15.68 9.86
CA ALA A 217 -20.72 -17.05 9.36
C ALA A 217 -22.12 -17.21 8.81
N GLY A 218 -22.28 -18.07 7.83
CA GLY A 218 -23.60 -18.28 7.26
C GLY A 218 -23.53 -19.42 6.27
N PRO A 219 -24.66 -19.84 5.68
CA PRO A 219 -24.67 -20.93 4.70
C PRO A 219 -23.89 -20.62 3.42
N TRP A 220 -23.64 -19.33 3.19
CA TRP A 220 -22.88 -18.94 2.03
C TRP A 220 -21.41 -19.30 2.21
N GLU A 221 -21.01 -19.65 3.43
CA GLU A 221 -19.61 -20.03 3.69
C GLU A 221 -19.52 -21.54 3.71
N LYS A 222 -18.43 -22.08 3.16
CA LYS A 222 -18.20 -23.52 3.04
C LYS A 222 -18.03 -24.22 4.38
N VAL A 223 -17.38 -23.57 5.34
CA VAL A 223 -17.22 -24.22 6.62
C VAL A 223 -18.07 -23.55 7.72
N THR A 224 -18.75 -24.37 8.51
CA THR A 224 -19.56 -23.85 9.61
C THR A 224 -18.65 -23.10 10.56
N ASN A 225 -19.18 -22.05 11.17
CA ASN A 225 -18.39 -21.27 12.08
C ASN A 225 -19.32 -20.45 13.00
N HIS A 226 -18.73 -19.86 14.03
CA HIS A 226 -19.48 -19.02 14.95
C HIS A 226 -19.77 -17.77 14.15
N GLN A 227 -21.01 -17.28 14.22
CA GLN A 227 -21.38 -16.10 13.46
C GLN A 227 -20.99 -14.77 14.17
N ALA A 228 -20.60 -14.86 15.43
CA ALA A 228 -20.25 -13.66 16.18
C ALA A 228 -19.22 -13.93 17.28
N ALA A 229 -18.15 -14.64 16.93
CA ALA A 229 -17.10 -14.97 17.90
C ALA A 229 -16.51 -13.65 18.37
N LEU A 230 -16.31 -13.47 19.68
CA LEU A 230 -15.72 -12.23 20.18
C LEU A 230 -14.24 -12.20 19.78
N PHE A 231 -13.55 -13.31 20.05
CA PHE A 231 -12.14 -13.47 19.71
C PHE A 231 -11.97 -14.69 18.81
N GLY A 232 -10.79 -14.81 18.22
CA GLY A 232 -10.55 -15.90 17.29
C GLY A 232 -10.07 -17.20 17.87
N ASP A 233 -10.39 -18.26 17.14
CA ASP A 233 -10.00 -19.63 17.48
C ASP A 233 -9.14 -20.08 16.30
N ALA A 234 -7.87 -20.38 16.56
CA ALA A 234 -6.96 -20.83 15.50
C ALA A 234 -7.47 -22.08 14.76
N ALA A 235 -8.34 -22.86 15.41
CA ALA A 235 -8.86 -24.06 14.76
C ALA A 235 -9.96 -23.73 13.77
N GLY A 236 -10.47 -22.51 13.84
CA GLY A 236 -11.54 -22.14 12.92
C GLY A 236 -11.03 -21.59 11.60
N PRO A 237 -11.92 -21.32 10.63
CA PRO A 237 -11.46 -20.78 9.35
C PRO A 237 -10.90 -19.39 9.56
N THR A 238 -10.10 -18.94 8.59
CA THR A 238 -9.54 -17.61 8.64
C THR A 238 -9.90 -17.03 7.30
N PHE A 239 -9.81 -15.71 7.18
CA PHE A 239 -10.20 -15.03 5.95
C PHE A 239 -9.22 -14.04 5.40
N TYR A 240 -9.42 -13.75 4.11
CA TYR A 240 -8.63 -12.79 3.38
C TYR A 240 -8.99 -11.45 4.01
N ASN A 241 -7.99 -10.63 4.35
CA ASN A 241 -8.26 -9.32 4.96
C ASN A 241 -8.48 -8.25 3.87
N ALA A 242 -9.73 -8.08 3.47
CA ALA A 242 -10.10 -7.13 2.43
C ALA A 242 -9.63 -5.68 2.63
N LEU A 243 -9.45 -5.24 3.88
CA LEU A 243 -9.04 -3.86 4.13
C LEU A 243 -7.67 -3.48 3.51
N ARG A 244 -6.78 -4.44 3.32
CA ARG A 244 -5.48 -4.11 2.71
C ARG A 244 -5.65 -3.68 1.25
N GLU A 245 -6.87 -3.85 0.72
CA GLU A 245 -7.22 -3.48 -0.66
C GLU A 245 -8.12 -2.24 -0.71
N ALA A 246 -8.36 -1.63 0.45
CA ALA A 246 -9.16 -0.41 0.50
C ALA A 246 -8.33 0.73 -0.10
N ASN A 247 -9.01 1.78 -0.57
CA ASN A 247 -8.34 2.90 -1.20
C ASN A 247 -7.73 3.86 -0.19
N LEU A 248 -6.77 3.33 0.56
CA LEU A 248 -6.08 4.08 1.61
C LEU A 248 -4.88 4.92 1.19
N GLY A 249 -4.16 4.44 0.18
CA GLY A 249 -2.98 5.16 -0.26
C GLY A 249 -1.81 4.92 0.69
N TRP A 250 -1.89 3.87 1.50
CA TRP A 250 -0.83 3.55 2.46
C TRP A 250 0.28 2.70 1.81
N SER A 251 1.43 2.61 2.48
CA SER A 251 2.55 1.84 1.95
C SER A 251 2.36 0.36 2.20
N TRP A 252 3.20 -0.48 1.60
CA TRP A 252 3.12 -1.92 1.81
C TRP A 252 3.26 -2.21 3.29
N GLU A 253 4.26 -1.59 3.92
CA GLU A 253 4.49 -1.79 5.35
C GLU A 253 3.29 -1.38 6.19
N GLU A 254 2.72 -0.23 5.86
CA GLU A 254 1.57 0.27 6.62
C GLU A 254 0.36 -0.64 6.46
N LEU A 255 0.09 -1.05 5.23
CA LEU A 255 -1.06 -1.93 4.99
C LEU A 255 -0.86 -3.26 5.72
N THR A 256 0.32 -3.83 5.56
CA THR A 256 0.63 -5.11 6.20
C THR A 256 0.51 -5.13 7.73
N ARG A 257 1.04 -4.12 8.41
CA ARG A 257 0.93 -4.15 9.85
C ARG A 257 -0.49 -3.85 10.36
N ALA A 258 -1.28 -3.14 9.59
CA ALA A 258 -2.65 -2.82 10.00
C ALA A 258 -3.60 -3.96 9.68
N PHE A 259 -3.30 -4.68 8.61
CA PHE A 259 -4.18 -5.75 8.13
C PHE A 259 -3.60 -7.15 7.95
N PRO A 260 -3.30 -7.84 9.06
CA PRO A 260 -2.76 -9.18 8.87
C PRO A 260 -3.74 -10.02 8.06
N SER A 261 -3.23 -10.86 7.17
CA SER A 261 -4.09 -11.69 6.35
C SER A 261 -3.41 -13.03 6.09
N PRO A 262 -4.15 -14.14 6.23
CA PRO A 262 -5.56 -14.18 6.62
C PRO A 262 -5.73 -13.84 8.09
N PHE A 263 -6.97 -13.65 8.52
CA PHE A 263 -7.26 -13.29 9.89
C PHE A 263 -8.59 -13.89 10.35
N SER A 264 -8.84 -13.82 11.66
CA SER A 264 -10.07 -14.34 12.25
C SER A 264 -11.20 -13.28 12.21
N LEU A 265 -12.27 -13.60 11.50
CA LEU A 265 -13.40 -12.69 11.36
C LEU A 265 -14.20 -12.75 12.67
N THR A 266 -13.94 -11.79 13.56
CA THR A 266 -14.57 -11.75 14.87
C THR A 266 -15.10 -10.35 15.18
N VAL A 267 -15.81 -10.24 16.29
CA VAL A 267 -16.33 -8.95 16.75
C VAL A 267 -15.14 -8.06 17.11
N ASP A 268 -14.14 -8.64 17.77
CA ASP A 268 -12.97 -7.87 18.16
C ASP A 268 -12.24 -7.33 16.91
N ALA A 269 -12.18 -8.13 15.85
CA ALA A 269 -11.52 -7.68 14.65
C ALA A 269 -12.17 -6.39 14.12
N ALA A 270 -13.48 -6.43 13.94
CA ALA A 270 -14.22 -5.26 13.44
C ALA A 270 -14.05 -4.03 14.34
N VAL A 271 -14.15 -4.21 15.65
CA VAL A 271 -13.99 -3.07 16.54
C VAL A 271 -12.58 -2.46 16.41
N GLN A 272 -11.57 -3.32 16.44
CA GLN A 272 -10.20 -2.86 16.32
C GLN A 272 -9.91 -2.22 14.99
N GLN A 273 -10.52 -2.74 13.93
CA GLN A 273 -10.31 -2.17 12.61
C GLN A 273 -10.87 -0.75 12.58
N HIS A 274 -11.98 -0.51 13.29
CA HIS A 274 -12.50 0.85 13.32
C HIS A 274 -11.59 1.79 14.12
N LEU A 275 -11.09 1.29 15.24
CA LEU A 275 -10.23 2.11 16.11
C LEU A 275 -8.87 2.39 15.48
N MET A 276 -8.50 1.61 14.45
CA MET A 276 -7.23 1.84 13.77
C MET A 276 -7.23 3.12 12.94
N MET A 277 -8.40 3.63 12.59
CA MET A 277 -8.49 4.84 11.80
C MET A 277 -8.50 6.08 12.69
N GLU A 278 -7.69 7.07 12.37
CA GLU A 278 -7.70 8.28 13.21
C GLU A 278 -9.02 9.01 13.02
N GLY A 279 -9.47 9.68 14.09
CA GLY A 279 -10.73 10.39 14.02
C GLY A 279 -11.96 9.52 14.21
N VAL A 280 -11.78 8.27 14.61
CA VAL A 280 -12.93 7.39 14.86
C VAL A 280 -12.91 7.11 16.35
N PRO A 281 -13.68 7.87 17.13
CA PRO A 281 -13.77 7.74 18.60
C PRO A 281 -14.43 6.47 19.08
N SER A 282 -13.80 5.82 20.06
CA SER A 282 -14.31 4.58 20.61
C SER A 282 -15.73 4.78 21.13
N ALA A 283 -16.00 5.96 21.72
CA ALA A 283 -17.32 6.22 22.27
C ALA A 283 -18.46 6.22 21.23
N LYS A 284 -18.15 6.32 19.95
CA LYS A 284 -19.22 6.29 18.93
C LYS A 284 -19.43 4.88 18.37
N ILE A 285 -18.52 3.97 18.69
CA ILE A 285 -18.63 2.61 18.17
C ILE A 285 -19.60 1.80 19.02
N VAL A 286 -20.62 1.19 18.40
CA VAL A 286 -21.56 0.38 19.16
C VAL A 286 -21.42 -1.06 18.66
N MET A 287 -21.32 -2.01 19.57
CA MET A 287 -21.18 -3.41 19.18
C MET A 287 -22.52 -4.06 18.93
N GLY A 288 -22.76 -4.54 17.72
CA GLY A 288 -24.02 -5.23 17.50
C GLY A 288 -23.95 -6.70 17.90
N VAL A 289 -25.05 -7.24 18.41
CA VAL A 289 -25.11 -8.64 18.76
C VAL A 289 -26.42 -9.21 18.22
N PRO A 290 -26.45 -10.50 17.88
CA PRO A 290 -27.68 -11.09 17.36
C PRO A 290 -28.55 -11.73 18.46
N PHE A 291 -29.85 -11.62 18.33
CA PHE A 291 -30.74 -12.29 19.30
C PHE A 291 -31.28 -13.56 18.62
N TYR A 292 -30.56 -14.04 17.62
CA TYR A 292 -30.97 -15.25 16.88
C TYR A 292 -29.75 -16.07 16.57
N GLY A 293 -29.98 -17.35 16.24
CA GLY A 293 -28.89 -18.23 15.89
C GLY A 293 -28.97 -18.65 14.42
N ARG A 294 -27.85 -19.08 13.86
CA ARG A 294 -27.86 -19.54 12.49
C ARG A 294 -27.63 -21.05 12.52
N ALA A 295 -28.51 -21.78 11.84
CA ALA A 295 -28.44 -23.25 11.82
C ALA A 295 -27.95 -23.82 10.49
N PHE A 296 -27.14 -24.88 10.57
CA PHE A 296 -26.57 -25.59 9.44
C PHE A 296 -26.90 -27.09 9.55
N LYS A 297 -27.15 -27.76 8.42
CA LYS A 297 -27.44 -29.20 8.42
C LYS A 297 -26.31 -29.91 7.65
N GLY A 298 -26.28 -31.23 7.73
CA GLY A 298 -25.26 -31.99 7.05
C GLY A 298 -23.85 -31.84 7.58
N VAL A 299 -23.69 -31.54 8.87
CA VAL A 299 -22.35 -31.40 9.41
C VAL A 299 -21.87 -32.74 9.95
N SER A 300 -20.57 -32.89 10.12
CA SER A 300 -20.00 -34.12 10.64
C SER A 300 -19.43 -33.90 12.04
N GLY A 301 -19.01 -34.97 12.71
CA GLY A 301 -18.51 -34.86 14.06
C GLY A 301 -17.04 -34.56 14.23
N GLY A 302 -16.60 -34.51 15.48
CA GLY A 302 -15.20 -34.25 15.74
C GLY A 302 -14.99 -32.97 16.51
N ASN A 303 -15.73 -31.92 16.12
CA ASN A 303 -15.58 -30.65 16.82
C ASN A 303 -16.94 -30.08 17.19
N GLY A 304 -17.90 -30.94 17.47
CA GLY A 304 -19.23 -30.50 17.85
C GLY A 304 -19.97 -29.73 16.77
N GLY A 305 -19.66 -30.03 15.51
CA GLY A 305 -20.33 -29.36 14.42
C GLY A 305 -19.59 -28.13 13.91
N GLN A 306 -18.64 -27.64 14.70
CA GLN A 306 -17.84 -26.46 14.32
C GLN A 306 -16.83 -26.82 13.23
N TYR A 307 -16.58 -25.85 12.35
CA TYR A 307 -15.58 -25.97 11.31
C TYR A 307 -15.73 -27.17 10.38
N SER A 308 -16.96 -27.47 10.05
CA SER A 308 -17.28 -28.60 9.22
C SER A 308 -17.95 -28.19 7.92
N SER A 309 -17.83 -29.04 6.90
CA SER A 309 -18.52 -28.78 5.64
C SER A 309 -19.99 -29.02 5.97
N HIS A 310 -20.90 -28.56 5.12
CA HIS A 310 -22.32 -28.69 5.42
C HIS A 310 -23.12 -28.69 4.13
N SER A 311 -24.41 -28.96 4.25
CA SER A 311 -25.28 -29.01 3.08
C SER A 311 -26.43 -28.02 3.19
N THR A 312 -26.15 -26.85 3.75
CA THR A 312 -27.19 -25.84 3.93
C THR A 312 -27.29 -24.88 2.74
N PRO A 313 -28.49 -24.78 2.15
CA PRO A 313 -28.77 -23.89 1.01
C PRO A 313 -28.49 -22.45 1.48
N GLY A 314 -27.80 -21.65 0.65
CA GLY A 314 -27.49 -20.28 1.02
C GLY A 314 -28.43 -19.25 0.40
N GLU A 315 -29.32 -19.70 -0.47
CA GLU A 315 -30.24 -18.79 -1.13
C GLU A 315 -31.40 -18.24 -0.33
N ASP A 316 -31.88 -17.07 -0.77
CA ASP A 316 -33.04 -16.39 -0.19
C ASP A 316 -34.00 -16.13 -1.35
N PRO A 317 -35.27 -16.55 -1.21
CA PRO A 317 -35.83 -17.25 -0.06
C PRO A 317 -35.29 -18.67 0.08
N TYR A 318 -35.64 -19.32 1.19
CA TYR A 318 -35.22 -20.68 1.45
C TYR A 318 -35.73 -21.48 0.24
N PRO A 319 -34.81 -22.01 -0.58
CA PRO A 319 -35.18 -22.77 -1.78
C PRO A 319 -35.70 -24.18 -1.60
N SER A 320 -36.54 -24.41 -0.59
CA SER A 320 -37.07 -25.74 -0.30
C SER A 320 -38.22 -25.68 0.72
N THR A 321 -38.86 -26.82 0.96
CA THR A 321 -39.97 -26.90 1.93
C THR A 321 -39.59 -27.85 3.07
N ASP A 322 -38.33 -28.25 3.07
CA ASP A 322 -37.80 -29.16 4.08
C ASP A 322 -37.37 -28.36 5.31
N TYR A 323 -38.19 -28.37 6.36
CA TYR A 323 -37.88 -27.63 7.58
C TYR A 323 -37.23 -28.60 8.56
N TRP A 324 -35.92 -28.78 8.37
CA TRP A 324 -35.08 -29.71 9.12
C TRP A 324 -34.48 -29.34 10.47
N LEU A 325 -34.78 -28.14 10.99
CA LEU A 325 -34.25 -27.77 12.29
C LEU A 325 -35.25 -28.28 13.29
N VAL A 326 -35.00 -29.49 13.79
CA VAL A 326 -35.90 -30.16 14.73
C VAL A 326 -36.29 -29.32 15.93
N GLY A 327 -37.57 -29.33 16.23
CA GLY A 327 -38.08 -28.59 17.38
C GLY A 327 -38.27 -27.12 17.12
N CYS A 328 -37.90 -26.62 15.95
CA CYS A 328 -38.07 -25.18 15.71
C CYS A 328 -39.40 -24.81 15.05
N GLU A 329 -40.41 -24.52 15.88
CA GLU A 329 -41.74 -24.15 15.39
C GLU A 329 -41.74 -22.83 14.61
N GLU A 330 -41.07 -21.81 15.13
CA GLU A 330 -41.01 -20.55 14.42
C GLU A 330 -40.42 -20.75 13.02
N CYS A 331 -39.53 -21.73 12.87
CA CYS A 331 -38.94 -21.97 11.56
C CYS A 331 -40.00 -22.39 10.55
N VAL A 332 -41.02 -23.12 10.99
CA VAL A 332 -42.10 -23.53 10.08
C VAL A 332 -42.97 -22.30 9.81
N ARG A 333 -43.22 -21.49 10.83
CA ARG A 333 -44.00 -20.27 10.64
C ARG A 333 -43.33 -19.42 9.59
N ASP A 334 -42.01 -19.29 9.68
CA ASP A 334 -41.24 -18.46 8.77
C ASP A 334 -40.62 -19.17 7.56
N LYS A 335 -41.00 -20.44 7.37
CA LYS A 335 -40.50 -21.23 6.24
C LYS A 335 -38.98 -21.11 6.02
N ASP A 336 -38.22 -21.30 7.08
CA ASP A 336 -36.77 -21.22 7.00
C ASP A 336 -36.18 -21.86 8.26
N PRO A 337 -35.47 -22.98 8.09
CA PRO A 337 -34.86 -23.66 9.23
C PRO A 337 -33.44 -23.16 9.50
N ARG A 338 -32.99 -22.16 8.75
CA ARG A 338 -31.63 -21.66 8.92
C ARG A 338 -31.45 -20.55 9.97
N ILE A 339 -32.56 -20.00 10.44
CA ILE A 339 -32.52 -18.95 11.47
C ILE A 339 -33.48 -19.28 12.59
N ALA A 340 -33.03 -19.18 13.83
CA ALA A 340 -33.89 -19.44 14.97
C ALA A 340 -33.61 -18.40 16.05
N SER A 341 -34.67 -17.77 16.52
CA SER A 341 -34.59 -16.78 17.59
C SER A 341 -34.11 -17.44 18.89
N TYR A 342 -33.47 -16.64 19.73
CA TYR A 342 -33.01 -17.14 21.02
C TYR A 342 -34.19 -17.76 21.76
N ARG A 343 -35.36 -17.11 21.65
CA ARG A 343 -36.58 -17.57 22.28
C ARG A 343 -36.88 -19.02 21.92
N GLN A 344 -36.82 -19.29 20.62
CA GLN A 344 -37.11 -20.62 20.08
C GLN A 344 -36.00 -21.59 20.47
N LEU A 345 -34.75 -21.14 20.39
CA LEU A 345 -33.61 -21.98 20.75
C LEU A 345 -33.68 -22.45 22.20
N GLU A 346 -34.09 -21.56 23.09
CA GLU A 346 -34.18 -21.89 24.51
C GLU A 346 -35.24 -22.96 24.68
N GLN A 347 -36.31 -22.85 23.92
CA GLN A 347 -37.35 -23.85 24.00
C GLN A 347 -36.87 -25.17 23.42
N MET A 348 -36.09 -25.13 22.35
CA MET A 348 -35.59 -26.37 21.77
C MET A 348 -34.67 -27.10 22.76
N LEU A 349 -33.86 -26.36 23.51
CA LEU A 349 -32.95 -26.95 24.48
C LEU A 349 -33.66 -27.59 25.67
N GLN A 350 -34.73 -27.01 26.14
CA GLN A 350 -35.41 -27.62 27.26
C GLN A 350 -36.34 -28.72 26.79
N GLY A 351 -36.41 -28.94 25.48
CA GLY A 351 -37.30 -29.95 24.93
C GLY A 351 -36.86 -31.37 24.62
N ASN A 352 -35.63 -31.75 24.94
CA ASN A 352 -35.18 -33.12 24.62
C ASN A 352 -35.36 -33.44 23.13
N TYR A 353 -34.74 -32.63 22.28
CA TYR A 353 -34.83 -32.80 20.83
C TYR A 353 -33.53 -33.36 20.28
N GLY A 354 -32.55 -33.56 21.16
CA GLY A 354 -31.31 -34.12 20.70
C GLY A 354 -30.15 -33.14 20.62
N TYR A 355 -30.42 -31.87 20.99
CA TYR A 355 -29.36 -30.86 20.95
C TYR A 355 -28.49 -30.84 22.20
N GLN A 356 -27.20 -30.61 22.01
CA GLN A 356 -26.25 -30.50 23.10
C GLN A 356 -25.73 -29.06 23.04
N ARG A 357 -25.79 -28.33 24.15
CA ARG A 357 -25.25 -26.98 24.15
C ARG A 357 -23.78 -27.10 24.52
N LEU A 358 -22.91 -26.57 23.68
CA LEU A 358 -21.48 -26.59 23.92
C LEU A 358 -20.99 -25.16 24.03
N TRP A 359 -19.76 -24.98 24.46
CA TRP A 359 -19.21 -23.64 24.64
C TRP A 359 -17.78 -23.61 24.09
N ASN A 360 -17.48 -22.58 23.30
CA ASN A 360 -16.14 -22.46 22.78
C ASN A 360 -15.56 -21.38 23.67
N ASP A 361 -14.54 -21.74 24.43
CA ASP A 361 -13.96 -20.78 25.35
C ASP A 361 -12.96 -19.81 24.75
N LYS A 362 -12.67 -19.95 23.46
CA LYS A 362 -11.76 -18.97 22.82
C LYS A 362 -12.65 -17.84 22.24
N THR A 363 -13.70 -18.24 21.52
CA THR A 363 -14.61 -17.27 20.89
C THR A 363 -15.57 -16.67 21.93
N LYS A 364 -15.69 -17.37 23.06
CA LYS A 364 -16.57 -17.00 24.16
C LYS A 364 -18.03 -16.96 23.69
N THR A 365 -18.41 -17.97 22.91
CA THR A 365 -19.78 -18.09 22.42
C THR A 365 -20.25 -19.54 22.50
N PRO A 366 -21.57 -19.73 22.65
CA PRO A 366 -22.15 -21.06 22.72
C PRO A 366 -22.55 -21.56 21.34
N TYR A 367 -22.88 -22.84 21.25
CA TYR A 367 -23.33 -23.42 19.99
C TYR A 367 -24.05 -24.71 20.32
N LEU A 368 -24.95 -25.14 19.43
CA LEU A 368 -25.68 -26.38 19.62
C LEU A 368 -25.18 -27.38 18.61
N TYR A 369 -25.20 -28.67 18.96
CA TYR A 369 -24.79 -29.72 18.05
C TYR A 369 -25.82 -30.82 18.20
N HIS A 370 -26.36 -31.27 17.07
CA HIS A 370 -27.35 -32.32 17.09
C HIS A 370 -26.60 -33.49 16.45
N ALA A 371 -26.07 -34.34 17.32
CA ALA A 371 -25.29 -35.48 16.88
C ALA A 371 -26.09 -36.39 15.96
N GLN A 372 -27.33 -36.68 16.31
CA GLN A 372 -28.15 -37.58 15.51
C GLN A 372 -28.44 -37.13 14.07
N ASN A 373 -28.78 -35.85 13.90
CA ASN A 373 -29.13 -35.33 12.57
C ASN A 373 -28.07 -34.54 11.85
N GLY A 374 -26.93 -34.34 12.50
CA GLY A 374 -25.84 -33.58 11.92
C GLY A 374 -26.17 -32.09 11.83
N LEU A 375 -26.66 -31.49 12.91
CA LEU A 375 -26.97 -30.05 12.89
C LEU A 375 -26.02 -29.26 13.79
N PHE A 376 -25.83 -27.98 13.45
CA PHE A 376 -24.98 -27.07 14.21
C PHE A 376 -25.68 -25.72 14.23
N VAL A 377 -25.69 -25.09 15.41
CA VAL A 377 -26.31 -23.78 15.54
C VAL A 377 -25.34 -22.85 16.24
N THR A 378 -25.14 -21.67 15.67
CA THR A 378 -24.27 -20.71 16.29
C THR A 378 -25.17 -19.56 16.73
N TYR A 379 -25.08 -19.21 18.01
CA TYR A 379 -25.91 -18.17 18.57
C TYR A 379 -25.23 -17.51 19.75
N ASP A 380 -25.90 -16.51 20.31
CA ASP A 380 -25.42 -15.79 21.48
C ASP A 380 -26.42 -15.95 22.62
N ASP A 381 -25.92 -15.86 23.84
CA ASP A 381 -26.79 -15.96 25.00
C ASP A 381 -26.30 -15.06 26.15
N ALA A 382 -26.97 -15.11 27.29
CA ALA A 382 -26.59 -14.26 28.40
C ALA A 382 -25.16 -14.50 28.86
N GLU A 383 -24.64 -15.68 28.58
CA GLU A 383 -23.26 -16.01 28.93
C GLU A 383 -22.28 -15.31 27.97
N SER A 384 -22.47 -15.47 26.66
CA SER A 384 -21.58 -14.79 25.72
C SER A 384 -21.68 -13.28 25.92
N PHE A 385 -22.86 -12.80 26.34
CA PHE A 385 -23.01 -11.36 26.57
C PHE A 385 -22.19 -10.83 27.74
N LYS A 386 -21.81 -11.69 28.67
CA LYS A 386 -20.94 -11.20 29.75
C LYS A 386 -19.60 -10.71 29.17
N TYR A 387 -19.02 -11.48 28.26
CA TYR A 387 -17.72 -11.11 27.69
C TYR A 387 -17.85 -9.90 26.76
N LYS A 388 -18.90 -9.89 25.95
CA LYS A 388 -19.08 -8.76 25.06
C LYS A 388 -19.30 -7.48 25.84
N ALA A 389 -20.07 -7.55 26.91
CA ALA A 389 -20.32 -6.37 27.74
C ALA A 389 -19.03 -5.89 28.40
N LYS A 390 -18.23 -6.83 28.92
CA LYS A 390 -16.96 -6.41 29.53
C LYS A 390 -16.03 -5.77 28.47
N TYR A 391 -16.00 -6.35 27.28
CA TYR A 391 -15.19 -5.81 26.18
C TYR A 391 -15.63 -4.38 25.84
N ILE A 392 -16.94 -4.19 25.80
CA ILE A 392 -17.52 -2.86 25.51
C ILE A 392 -17.05 -1.83 26.54
N LYS A 393 -16.98 -2.26 27.79
CA LYS A 393 -16.56 -1.38 28.87
C LYS A 393 -15.05 -1.16 28.82
N GLN A 394 -14.28 -2.25 28.72
CA GLN A 394 -12.82 -2.14 28.65
C GLN A 394 -12.36 -1.30 27.45
N GLN A 395 -13.02 -1.49 26.30
CA GLN A 395 -12.65 -0.76 25.09
C GLN A 395 -13.30 0.59 24.96
N GLN A 396 -14.06 0.97 25.99
CA GLN A 396 -14.73 2.27 26.01
C GLN A 396 -15.62 2.54 24.81
N LEU A 397 -16.35 1.51 24.40
CA LEU A 397 -17.27 1.61 23.27
C LEU A 397 -18.54 2.33 23.70
N GLY A 398 -19.33 2.75 22.73
CA GLY A 398 -20.55 3.47 23.07
C GLY A 398 -21.66 2.63 23.64
N GLY A 399 -21.68 1.36 23.29
CA GLY A 399 -22.75 0.52 23.85
C GLY A 399 -22.98 -0.71 23.00
N VAL A 400 -24.20 -1.21 23.02
CA VAL A 400 -24.55 -2.43 22.28
C VAL A 400 -25.83 -2.18 21.47
N MET A 401 -25.97 -2.86 20.34
CA MET A 401 -27.16 -2.78 19.49
C MET A 401 -27.50 -4.25 19.22
N PHE A 402 -28.77 -4.56 19.01
CA PHE A 402 -29.15 -5.93 18.73
C PHE A 402 -30.36 -6.01 17.80
N TRP A 403 -30.38 -7.11 17.03
CA TRP A 403 -31.48 -7.42 16.11
C TRP A 403 -31.99 -8.80 16.59
N HIS A 404 -33.25 -8.92 17.00
CA HIS A 404 -34.18 -7.80 17.20
C HIS A 404 -35.04 -8.14 18.43
N LEU A 405 -35.80 -7.18 18.96
CA LEU A 405 -36.60 -7.38 20.16
C LEU A 405 -37.53 -8.59 20.20
N GLY A 406 -38.13 -8.91 19.07
CA GLY A 406 -39.05 -10.03 19.05
C GLY A 406 -38.38 -11.40 19.14
N GLN A 407 -37.06 -11.43 19.16
CA GLN A 407 -36.37 -12.72 19.25
C GLN A 407 -35.87 -13.05 20.65
N ASP A 408 -36.01 -12.11 21.58
CA ASP A 408 -35.63 -12.34 22.99
C ASP A 408 -36.72 -13.27 23.52
N ASN A 409 -36.47 -13.99 24.62
CA ASN A 409 -37.55 -14.85 25.13
C ASN A 409 -38.61 -13.97 25.76
N ARG A 410 -39.73 -14.57 26.16
CA ARG A 410 -40.82 -13.81 26.75
C ARG A 410 -40.45 -12.96 27.94
N ASN A 411 -39.50 -13.42 28.76
CA ASN A 411 -39.09 -12.65 29.93
C ASN A 411 -38.09 -11.52 29.59
N GLY A 412 -37.70 -11.42 28.34
CA GLY A 412 -36.74 -10.40 27.94
C GLY A 412 -35.38 -10.61 28.62
N ASP A 413 -34.98 -11.87 28.75
CA ASP A 413 -33.71 -12.18 29.43
C ASP A 413 -32.44 -11.65 28.77
N LEU A 414 -32.36 -11.68 27.42
CA LEU A 414 -31.13 -11.20 26.79
C LEU A 414 -30.98 -9.70 27.01
N LEU A 415 -32.07 -8.95 26.83
CA LEU A 415 -32.05 -7.52 27.07
C LEU A 415 -31.70 -7.23 28.53
N ALA A 416 -32.32 -7.97 29.45
CA ALA A 416 -32.05 -7.76 30.87
C ALA A 416 -30.61 -8.06 31.24
N ALA A 417 -30.00 -9.03 30.56
CA ALA A 417 -28.59 -9.40 30.83
C ALA A 417 -27.69 -8.24 30.45
N LEU A 418 -27.90 -7.70 29.26
CA LEU A 418 -27.11 -6.57 28.78
C LEU A 418 -27.25 -5.40 29.76
N ASP A 419 -28.49 -5.07 30.14
CA ASP A 419 -28.68 -3.98 31.09
C ASP A 419 -27.96 -4.26 32.43
N ARG A 420 -28.06 -5.50 32.89
CA ARG A 420 -27.41 -5.89 34.14
C ARG A 420 -25.91 -5.68 34.08
N TYR A 421 -25.28 -6.11 32.98
CA TYR A 421 -23.84 -6.04 32.87
C TYR A 421 -23.29 -4.63 32.86
N PHE A 422 -24.09 -3.71 32.34
CA PHE A 422 -23.68 -2.32 32.30
C PHE A 422 -24.04 -1.53 33.55
N ASN A 423 -25.23 -1.81 34.09
CA ASN A 423 -25.74 -0.99 35.18
C ASN A 423 -26.05 -1.53 36.56
N ALA A 424 -26.12 -2.85 36.75
CA ALA A 424 -26.48 -3.39 38.06
C ALA A 424 -25.35 -3.17 39.07
N ALA A 425 -25.70 -2.58 40.20
CA ALA A 425 -24.72 -2.28 41.26
C ALA A 425 -24.19 -3.55 41.88
N ASP A 426 -24.95 -4.63 41.76
CA ASP A 426 -24.51 -5.89 42.36
C ASP A 426 -23.94 -6.96 41.42
N TYR A 427 -23.58 -6.54 40.20
CA TYR A 427 -22.96 -7.42 39.20
C TYR A 427 -21.49 -6.96 39.14
N ASP A 428 -20.58 -7.91 39.30
CA ASP A 428 -19.14 -7.58 39.32
C ASP A 428 -18.40 -8.51 38.34
N ASP A 429 -17.89 -7.97 37.23
CA ASP A 429 -17.18 -8.79 36.26
C ASP A 429 -15.67 -8.55 36.29
N SER A 430 -15.19 -7.95 37.38
CA SER A 430 -13.77 -7.67 37.51
C SER A 430 -12.93 -8.95 37.38
N GLN A 431 -13.49 -10.11 37.74
CA GLN A 431 -12.73 -11.33 37.60
C GLN A 431 -13.09 -12.14 36.38
N LEU A 432 -14.01 -11.66 35.56
CA LEU A 432 -14.40 -12.40 34.36
C LEU A 432 -13.17 -12.55 33.44
N ASP A 433 -12.78 -13.79 33.17
CA ASP A 433 -11.59 -14.02 32.34
C ASP A 433 -11.93 -13.96 30.89
N MET A 434 -11.31 -13.01 30.19
CA MET A 434 -11.54 -12.78 28.77
C MET A 434 -10.95 -13.86 27.85
N GLY A 435 -10.18 -14.78 28.43
CA GLY A 435 -9.65 -15.89 27.65
C GLY A 435 -8.41 -15.68 26.84
N THR A 436 -8.08 -16.70 26.05
CA THR A 436 -6.90 -16.69 25.22
C THR A 436 -7.17 -16.69 23.72
N GLY A 437 -8.45 -16.48 23.36
CA GLY A 437 -8.83 -16.43 21.96
C GLY A 437 -7.99 -15.37 21.25
N LEU A 438 -7.83 -15.52 19.94
CA LEU A 438 -7.02 -14.58 19.19
C LEU A 438 -7.55 -13.14 19.09
N ARG A 439 -6.73 -12.17 19.47
CA ARG A 439 -7.06 -10.76 19.37
C ARG A 439 -6.55 -10.23 18.02
N TYR A 440 -7.23 -9.24 17.47
CA TYR A 440 -6.82 -8.63 16.22
C TYR A 440 -5.66 -7.69 16.59
N THR A 441 -4.49 -7.90 15.99
CA THR A 441 -3.33 -7.08 16.35
C THR A 441 -2.89 -5.97 15.40
N GLY A 442 -3.68 -5.70 14.36
CA GLY A 442 -3.28 -4.67 13.43
C GLY A 442 -3.02 -3.34 14.10
N VAL A 443 -2.09 -2.55 13.55
CA VAL A 443 -1.82 -1.22 14.09
C VAL A 443 -1.97 -0.22 12.97
N GLY A 444 -2.75 0.83 13.21
CA GLY A 444 -2.96 1.86 12.21
C GLY A 444 -2.70 3.25 12.77
N PRO A 445 -2.97 4.31 12.00
CA PRO A 445 -2.75 5.69 12.45
C PRO A 445 -3.54 6.05 13.69
N GLY A 446 -4.70 5.42 13.84
CA GLY A 446 -5.57 5.70 14.97
C GLY A 446 -5.30 4.98 16.28
N ASN A 447 -4.43 3.99 16.29
CA ASN A 447 -4.16 3.30 17.55
C ASN A 447 -2.69 3.06 17.76
N LEU A 448 -1.88 4.06 17.44
CA LEU A 448 -0.44 3.93 17.64
C LEU A 448 -0.17 3.96 19.12
N PRO A 449 0.73 3.09 19.59
CA PRO A 449 1.06 3.06 21.02
C PRO A 449 1.91 4.25 21.41
N ILE A 450 1.77 4.68 22.66
CA ILE A 450 2.56 5.79 23.15
C ILE A 450 4.02 5.28 23.19
N MET A 451 4.95 6.14 22.77
CA MET A 451 6.37 5.76 22.77
C MET A 451 7.24 6.98 23.00
N THR A 452 8.52 6.74 23.25
CA THR A 452 9.52 7.79 23.45
C THR A 452 10.75 7.45 22.61
N ALA A 453 11.38 8.49 22.07
CA ALA A 453 12.55 8.31 21.23
C ALA A 453 13.29 9.63 21.16
N PRO A 454 14.63 9.58 21.01
CA PRO A 454 15.39 10.83 20.93
C PRO A 454 14.87 11.66 19.76
N ALA A 455 14.92 12.98 19.88
CA ALA A 455 14.45 13.85 18.80
C ALA A 455 15.33 13.61 17.57
N TYR A 456 14.71 13.65 16.39
CA TYR A 456 15.42 13.46 15.12
C TYR A 456 16.40 14.64 14.97
N VAL A 457 17.62 14.36 14.50
CA VAL A 457 18.62 15.41 14.31
C VAL A 457 19.01 15.61 12.83
N PRO A 458 18.60 16.75 12.23
CA PRO A 458 18.93 17.04 10.82
C PRO A 458 20.43 16.86 10.57
N GLY A 459 20.77 16.07 9.56
CA GLY A 459 22.17 15.85 9.25
C GLY A 459 22.72 14.53 9.78
N THR A 460 21.93 13.85 10.59
CA THR A 460 22.35 12.58 11.15
C THR A 460 22.00 11.44 10.20
N THR A 461 22.83 10.40 10.18
CA THR A 461 22.59 9.24 9.34
C THR A 461 22.23 8.10 10.27
N TYR A 462 21.05 7.52 10.05
CA TYR A 462 20.59 6.44 10.90
C TYR A 462 20.63 5.08 10.24
N ALA A 463 20.89 4.08 11.08
CA ALA A 463 20.93 2.70 10.64
C ALA A 463 19.50 2.18 10.59
N GLN A 464 19.35 0.96 10.09
CA GLN A 464 18.05 0.32 10.00
C GLN A 464 17.51 0.05 11.41
N GLY A 465 16.22 0.29 11.62
CA GLY A 465 15.61 0.06 12.92
C GLY A 465 15.74 1.17 13.96
N ALA A 466 16.38 2.27 13.59
CA ALA A 466 16.53 3.38 14.53
C ALA A 466 15.19 4.07 14.77
N LEU A 467 15.00 4.54 16.00
CA LEU A 467 13.80 5.23 16.43
C LEU A 467 14.12 6.67 16.77
N VAL A 468 13.24 7.56 16.38
CA VAL A 468 13.41 8.99 16.64
C VAL A 468 12.03 9.59 16.80
N SER A 469 11.96 10.74 17.47
CA SER A 469 10.69 11.38 17.63
C SER A 469 10.76 12.58 16.68
N TYR A 470 9.66 12.89 16.02
CA TYR A 470 9.63 14.00 15.08
C TYR A 470 8.18 14.36 14.82
N GLN A 471 7.89 15.65 14.84
CA GLN A 471 6.55 16.14 14.59
C GLN A 471 5.50 15.43 15.44
N GLY A 472 5.89 15.03 16.65
CA GLY A 472 4.95 14.40 17.55
C GLY A 472 4.81 12.89 17.53
N TYR A 473 5.51 12.23 16.61
CA TYR A 473 5.44 10.77 16.52
C TYR A 473 6.81 10.14 16.67
N VAL A 474 6.82 8.83 16.87
CA VAL A 474 8.05 8.08 16.97
C VAL A 474 8.10 7.31 15.63
N TRP A 475 9.23 7.40 14.95
CA TRP A 475 9.42 6.77 13.66
C TRP A 475 10.57 5.79 13.66
N GLN A 476 10.46 4.77 12.82
CA GLN A 476 11.52 3.77 12.73
C GLN A 476 11.98 3.61 11.27
N THR A 477 13.29 3.46 11.07
CA THR A 477 13.78 3.29 9.69
C THR A 477 13.56 1.86 9.18
N LYS A 478 13.13 1.75 7.93
CA LYS A 478 12.83 0.47 7.27
C LYS A 478 14.08 -0.18 6.64
N TRP A 479 15.13 0.61 6.41
CA TRP A 479 16.39 0.09 5.89
C TRP A 479 17.51 0.99 6.41
N GLY A 480 18.74 0.75 5.98
CA GLY A 480 19.86 1.53 6.49
C GLY A 480 20.35 2.77 5.75
N TYR A 481 21.27 3.47 6.40
CA TYR A 481 21.88 4.67 5.85
C TYR A 481 20.84 5.72 5.50
N ILE A 482 20.02 6.06 6.48
CA ILE A 482 19.00 7.05 6.28
C ILE A 482 19.52 8.44 6.57
N THR A 483 19.51 9.28 5.54
CA THR A 483 20.00 10.63 5.65
C THR A 483 18.95 11.74 5.57
N SER A 484 17.67 11.39 5.53
CA SER A 484 16.69 12.45 5.52
C SER A 484 15.69 12.30 6.66
N ALA A 485 14.80 13.29 6.79
CA ALA A 485 13.83 13.34 7.88
C ALA A 485 12.55 12.57 7.71
N PRO A 486 11.95 12.15 8.83
CA PRO A 486 10.68 11.42 8.80
C PRO A 486 9.66 12.32 8.08
N GLY A 487 8.88 11.72 7.20
CA GLY A 487 7.87 12.47 6.47
C GLY A 487 8.35 13.00 5.13
N SER A 488 9.66 13.13 4.97
CA SER A 488 10.22 13.63 3.72
C SER A 488 10.92 12.47 3.05
N ASP A 489 11.30 11.50 3.88
CA ASP A 489 12.02 10.32 3.44
C ASP A 489 11.14 9.10 3.68
N SER A 490 10.74 8.42 2.61
CA SER A 490 9.88 7.26 2.74
C SER A 490 10.55 6.02 3.36
N ALA A 491 11.73 6.22 3.95
CA ALA A 491 12.41 5.11 4.64
C ALA A 491 11.90 5.01 6.11
N TRP A 492 11.15 6.02 6.54
CA TRP A 492 10.66 6.03 7.91
C TRP A 492 9.23 5.57 8.05
N LEU A 493 8.99 4.70 9.04
CA LEU A 493 7.67 4.18 9.33
C LEU A 493 7.22 4.78 10.67
N LYS A 494 6.06 5.41 10.70
CA LYS A 494 5.53 5.96 11.95
C LYS A 494 5.10 4.76 12.79
N VAL A 495 5.68 4.60 13.99
CA VAL A 495 5.34 3.44 14.81
C VAL A 495 4.81 3.70 16.21
N GLY A 496 4.89 4.95 16.66
CA GLY A 496 4.40 5.32 17.97
C GLY A 496 4.00 6.78 18.02
N ARG A 497 3.41 7.20 19.14
CA ARG A 497 2.99 8.59 19.30
C ARG A 497 3.41 9.19 20.64
N VAL A 498 3.34 10.52 20.70
CA VAL A 498 3.72 11.34 21.87
C VAL A 498 5.23 11.44 21.86
N ALA A 499 5.88 10.37 21.92
N THR B 3 18.79 1.55 -34.59
CA THR B 3 19.45 2.81 -34.10
C THR B 3 20.72 2.46 -33.34
N ARG B 4 21.77 3.25 -33.53
CA ARG B 4 23.04 2.98 -32.88
C ARG B 4 22.88 3.06 -31.37
N LYS B 5 23.49 2.13 -30.64
CA LYS B 5 23.37 2.19 -29.19
C LYS B 5 24.27 3.30 -28.64
N ALA B 6 23.82 4.03 -27.63
CA ALA B 6 24.68 5.08 -27.06
C ALA B 6 25.82 4.41 -26.29
N VAL B 7 26.97 5.05 -26.21
CA VAL B 7 28.08 4.52 -25.42
C VAL B 7 28.58 5.82 -24.77
N ILE B 8 28.17 6.01 -23.52
CA ILE B 8 28.44 7.23 -22.79
C ILE B 8 29.52 6.99 -21.76
N GLY B 9 30.67 7.63 -21.93
CA GLY B 9 31.73 7.43 -20.96
C GLY B 9 32.07 8.71 -20.21
N TYR B 10 32.19 8.59 -18.90
CA TYR B 10 32.55 9.73 -18.06
C TYR B 10 34.01 10.09 -18.14
N TYR B 11 34.30 11.38 -18.29
CA TYR B 11 35.70 11.80 -18.23
C TYR B 11 35.66 12.66 -16.95
N PHE B 12 36.27 12.16 -15.87
CA PHE B 12 36.28 12.87 -14.62
C PHE B 12 37.67 13.39 -14.29
N ILE B 13 37.74 14.68 -13.98
CA ILE B 13 39.02 15.27 -13.63
C ILE B 13 38.83 16.25 -12.47
N PRO B 14 39.50 15.98 -11.34
CA PRO B 14 39.42 16.83 -10.14
C PRO B 14 39.99 18.21 -10.44
N THR B 15 39.54 19.21 -9.71
CA THR B 15 39.99 20.59 -9.87
C THR B 15 41.51 20.73 -9.79
N ASN B 16 42.15 20.03 -8.86
CA ASN B 16 43.61 20.13 -8.76
C ASN B 16 44.31 19.61 -10.01
N GLN B 17 43.69 18.64 -10.70
CA GLN B 17 44.30 18.12 -11.92
C GLN B 17 44.09 19.07 -13.08
N ILE B 18 42.93 19.72 -13.10
CA ILE B 18 42.67 20.69 -14.15
C ILE B 18 43.71 21.82 -14.01
N ASN B 19 43.83 22.33 -12.79
CA ASN B 19 44.74 23.45 -12.52
C ASN B 19 46.20 23.14 -12.80
N ASN B 20 46.56 21.86 -12.77
CA ASN B 20 47.93 21.44 -13.02
C ASN B 20 47.97 20.52 -14.22
N TYR B 21 47.01 20.71 -15.13
CA TYR B 21 46.88 19.83 -16.28
C TYR B 21 48.14 19.67 -17.12
N THR B 22 48.48 18.41 -17.39
CA THR B 22 49.64 18.07 -18.20
C THR B 22 49.42 16.69 -18.81
N GLU B 23 49.94 16.50 -20.02
CA GLU B 23 49.78 15.22 -20.68
C GLU B 23 51.10 14.45 -20.71
N THR B 24 52.01 14.80 -19.82
CA THR B 24 53.30 14.10 -19.82
C THR B 24 53.74 13.68 -18.42
N ASP B 25 52.78 13.54 -17.51
CA ASP B 25 53.08 13.15 -16.15
C ASP B 25 51.86 12.51 -15.47
N THR B 26 51.74 11.19 -15.58
CA THR B 26 50.60 10.46 -14.99
C THR B 26 50.59 10.54 -13.49
N SER B 27 51.70 11.01 -12.93
CA SER B 27 51.80 11.20 -11.51
C SER B 27 50.94 12.42 -11.11
N VAL B 28 50.76 13.33 -12.06
CA VAL B 28 49.96 14.54 -11.84
C VAL B 28 48.55 14.35 -12.41
N VAL B 29 48.51 13.92 -13.67
CA VAL B 29 47.23 13.67 -14.33
C VAL B 29 47.34 12.25 -14.88
N PRO B 30 46.80 11.29 -14.14
CA PRO B 30 46.81 9.86 -14.50
C PRO B 30 46.14 9.57 -15.85
N PHE B 31 45.14 10.36 -16.19
CA PHE B 31 44.43 10.13 -17.43
C PHE B 31 44.17 11.40 -18.23
N PRO B 32 45.17 11.85 -19.00
CA PRO B 32 44.98 13.07 -19.81
C PRO B 32 44.10 12.76 -21.03
N VAL B 33 43.49 13.79 -21.58
CA VAL B 33 42.61 13.60 -22.72
C VAL B 33 43.36 12.95 -23.90
N SER B 34 44.67 13.17 -23.95
CA SER B 34 45.46 12.59 -25.02
C SER B 34 45.40 11.07 -25.06
N ASN B 35 44.94 10.44 -23.98
CA ASN B 35 44.82 8.97 -23.94
C ASN B 35 43.60 8.52 -24.74
N ILE B 36 42.78 9.48 -25.13
CA ILE B 36 41.60 9.17 -25.93
C ILE B 36 42.01 9.42 -27.40
N THR B 37 42.37 8.33 -28.06
CA THR B 37 42.81 8.34 -29.46
C THR B 37 41.62 8.47 -30.38
N PRO B 38 41.87 8.68 -31.68
CA PRO B 38 40.74 8.79 -32.61
C PRO B 38 39.85 7.53 -32.59
N ALA B 39 40.49 6.38 -32.40
CA ALA B 39 39.79 5.09 -32.37
C ALA B 39 38.83 5.07 -31.20
N LYS B 40 39.29 5.54 -30.03
CA LYS B 40 38.42 5.57 -28.86
C LYS B 40 37.31 6.59 -29.05
N ALA B 41 37.62 7.74 -29.63
CA ALA B 41 36.58 8.76 -29.86
C ALA B 41 35.48 8.21 -30.78
N LYS B 42 35.86 7.37 -31.73
CA LYS B 42 34.88 6.81 -32.66
C LYS B 42 34.02 5.74 -31.97
N GLN B 43 34.54 5.16 -30.90
CA GLN B 43 33.81 4.11 -30.15
C GLN B 43 32.81 4.69 -29.14
N LEU B 44 32.92 5.99 -28.89
CA LEU B 44 32.05 6.69 -27.97
C LEU B 44 30.99 7.48 -28.73
N THR B 45 29.82 7.69 -28.13
CA THR B 45 28.81 8.55 -28.75
C THR B 45 28.72 9.80 -27.88
N HIS B 46 29.10 9.65 -26.61
CA HIS B 46 29.03 10.78 -25.66
C HIS B 46 30.17 10.69 -24.67
N ILE B 47 30.74 11.84 -24.31
CA ILE B 47 31.72 11.86 -23.22
C ILE B 47 31.09 12.83 -22.22
N ASN B 48 30.92 12.39 -20.98
CA ASN B 48 30.34 13.25 -19.95
C ASN B 48 31.48 13.88 -19.17
N PHE B 49 31.82 15.12 -19.50
CA PHE B 49 32.90 15.79 -18.75
C PHE B 49 32.32 16.03 -17.35
N SER B 50 33.10 15.72 -16.30
CA SER B 50 32.60 15.89 -14.93
C SER B 50 33.70 16.34 -13.95
N PHE B 51 33.35 17.17 -12.95
CA PHE B 51 31.98 17.64 -12.67
C PHE B 51 31.90 19.17 -12.51
N LEU B 52 30.76 19.72 -12.90
CA LEU B 52 30.50 21.14 -12.60
C LEU B 52 29.49 21.01 -11.44
N ASP B 53 29.04 22.13 -10.90
CA ASP B 53 28.16 22.11 -9.73
C ASP B 53 27.12 23.23 -9.84
N ILE B 54 26.36 23.41 -8.76
CA ILE B 54 25.38 24.48 -8.65
C ILE B 54 25.87 25.30 -7.45
N ASN B 55 26.12 26.59 -7.67
CA ASN B 55 26.64 27.40 -6.58
C ASN B 55 25.57 28.02 -5.68
N SER B 56 25.99 28.84 -4.71
CA SER B 56 25.04 29.42 -3.76
C SER B 56 24.20 30.46 -4.46
N ASN B 57 24.63 30.92 -5.63
CA ASN B 57 23.81 31.90 -6.37
C ASN B 57 22.76 31.08 -7.14
N LEU B 58 22.81 29.76 -6.97
CA LEU B 58 21.86 28.86 -7.64
C LEU B 58 21.94 28.81 -9.17
N GLU B 59 23.17 28.89 -9.67
CA GLU B 59 23.44 28.79 -11.10
C GLU B 59 24.48 27.71 -11.27
N CYS B 60 24.49 27.11 -12.46
CA CYS B 60 25.46 26.08 -12.80
C CYS B 60 26.79 26.82 -12.82
N ALA B 61 27.84 26.22 -12.26
CA ALA B 61 29.14 26.87 -12.22
C ALA B 61 30.25 25.88 -11.94
N TRP B 62 31.45 26.27 -12.36
CA TRP B 62 32.64 25.49 -12.09
C TRP B 62 32.98 25.71 -10.62
N ASP B 63 33.72 24.78 -10.04
CA ASP B 63 34.21 24.88 -8.67
C ASP B 63 34.99 26.21 -8.73
N PRO B 64 34.75 27.14 -7.80
CA PRO B 64 35.43 28.44 -7.75
C PRO B 64 36.95 28.40 -7.79
N ALA B 65 37.53 27.31 -7.28
CA ALA B 65 38.98 27.20 -7.27
C ALA B 65 39.59 26.79 -8.64
N THR B 66 38.74 26.62 -9.65
CA THR B 66 39.20 26.22 -10.98
C THR B 66 39.89 27.34 -11.78
N ASN B 67 41.05 27.05 -12.36
CA ASN B 67 41.73 28.03 -13.19
C ASN B 67 40.91 27.95 -14.48
N ASP B 68 40.17 29.00 -14.79
CA ASP B 68 39.31 28.97 -15.95
C ASP B 68 39.97 28.71 -17.29
N ALA B 69 41.13 29.32 -17.52
CA ALA B 69 41.81 29.10 -18.78
C ALA B 69 42.19 27.62 -18.90
N LYS B 70 42.71 27.04 -17.82
CA LYS B 70 43.08 25.62 -17.84
C LYS B 70 41.84 24.75 -18.05
N ALA B 71 40.68 25.19 -17.56
CA ALA B 71 39.45 24.41 -17.71
C ALA B 71 39.02 24.40 -19.20
N ARG B 72 39.06 25.57 -19.82
CA ARG B 72 38.70 25.67 -21.24
C ARG B 72 39.65 24.80 -22.08
N ASP B 73 40.92 24.77 -21.71
CA ASP B 73 41.89 23.97 -22.45
C ASP B 73 41.56 22.48 -22.34
N VAL B 74 41.20 22.01 -21.15
CA VAL B 74 40.86 20.57 -21.01
C VAL B 74 39.62 20.24 -21.85
N VAL B 75 38.60 21.06 -21.71
CA VAL B 75 37.37 20.89 -22.48
C VAL B 75 37.68 20.96 -23.97
N ASN B 76 38.49 21.93 -24.41
CA ASN B 76 38.86 22.03 -25.84
C ASN B 76 39.47 20.73 -26.35
N ARG B 77 40.32 20.10 -25.55
CA ARG B 77 40.94 18.86 -25.95
C ARG B 77 39.88 17.79 -26.22
N LEU B 78 38.82 17.81 -25.42
CA LEU B 78 37.75 16.83 -25.58
C LEU B 78 36.89 17.16 -26.79
N THR B 79 36.54 18.44 -26.98
CA THR B 79 35.69 18.78 -28.11
C THR B 79 36.45 18.63 -29.42
N ALA B 80 37.78 18.68 -29.34
CA ALA B 80 38.59 18.49 -30.53
C ALA B 80 38.36 17.04 -31.05
N LEU B 81 37.98 16.12 -30.15
CA LEU B 81 37.77 14.73 -30.57
C LEU B 81 36.60 14.59 -31.55
N LYS B 82 35.71 15.57 -31.58
CA LYS B 82 34.58 15.51 -32.49
C LYS B 82 35.03 15.44 -33.95
N ALA B 83 36.26 15.89 -34.24
CA ALA B 83 36.78 15.83 -35.62
C ALA B 83 36.86 14.36 -36.08
N HIS B 84 36.96 13.43 -35.15
CA HIS B 84 37.06 12.01 -35.52
C HIS B 84 35.74 11.29 -35.54
N ASN B 85 34.69 11.94 -35.06
CA ASN B 85 33.41 11.25 -34.99
C ASN B 85 32.29 12.27 -35.02
N PRO B 86 31.65 12.44 -36.20
CA PRO B 86 30.55 13.39 -36.37
C PRO B 86 29.30 13.14 -35.52
N SER B 87 29.27 12.03 -34.78
CA SER B 87 28.13 11.73 -33.91
C SER B 87 28.46 12.00 -32.43
N LEU B 88 29.76 12.14 -32.14
CA LEU B 88 30.23 12.34 -30.77
C LEU B 88 29.77 13.63 -30.10
N ARG B 89 29.29 13.51 -28.86
CA ARG B 89 28.90 14.69 -28.10
C ARG B 89 29.72 14.78 -26.81
N ILE B 90 30.21 15.99 -26.49
CA ILE B 90 30.91 16.19 -25.23
C ILE B 90 29.90 16.90 -24.29
N MET B 91 29.24 16.10 -23.46
CA MET B 91 28.28 16.60 -22.48
C MET B 91 29.05 17.12 -21.26
N PHE B 92 28.39 17.87 -20.41
CA PHE B 92 29.05 18.23 -19.16
C PHE B 92 28.02 17.82 -18.11
N SER B 93 28.52 17.27 -16.99
CA SER B 93 27.68 16.79 -15.91
C SER B 93 27.76 17.70 -14.70
N ILE B 94 26.58 18.00 -14.16
CA ILE B 94 26.41 18.83 -12.97
C ILE B 94 26.03 17.91 -11.80
N GLY B 95 26.82 17.97 -10.72
CA GLY B 95 26.52 17.18 -9.55
C GLY B 95 27.48 16.08 -9.20
N GLY B 96 26.97 14.86 -9.18
CA GLY B 96 27.76 13.71 -8.80
C GLY B 96 27.57 13.50 -7.32
N TRP B 97 27.97 12.32 -6.81
CA TRP B 97 27.81 12.04 -5.37
C TRP B 97 28.39 13.11 -4.40
N TYR B 98 29.66 13.42 -4.52
CA TYR B 98 30.31 14.39 -3.62
C TYR B 98 29.55 15.70 -3.45
N TYR B 99 29.22 16.33 -4.57
CA TYR B 99 28.52 17.60 -4.49
C TYR B 99 27.06 17.55 -4.08
N SER B 100 26.34 16.55 -4.61
CA SER B 100 24.90 16.48 -4.43
C SER B 100 24.21 15.48 -3.50
N ASN B 101 24.95 14.58 -2.85
CA ASN B 101 24.29 13.64 -1.96
C ASN B 101 23.69 14.48 -0.84
N ASP B 102 22.72 13.93 -0.11
CA ASP B 102 22.05 14.69 0.96
C ASP B 102 22.99 15.47 1.89
N LEU B 103 24.13 14.85 2.23
CA LEU B 103 25.11 15.45 3.12
C LEU B 103 26.27 16.10 2.35
N GLY B 104 26.10 16.26 1.05
CA GLY B 104 27.16 16.85 0.23
C GLY B 104 27.30 18.35 0.42
N VAL B 105 28.48 18.87 0.08
CA VAL B 105 28.76 20.30 0.25
C VAL B 105 27.81 21.24 -0.48
N SER B 106 27.24 20.81 -1.60
CA SER B 106 26.38 21.73 -2.34
C SER B 106 24.92 21.33 -2.43
N HIS B 107 24.53 20.30 -1.68
CA HIS B 107 23.16 19.80 -1.71
C HIS B 107 22.06 20.86 -1.65
N ALA B 108 22.18 21.81 -0.72
CA ALA B 108 21.20 22.87 -0.59
C ALA B 108 20.98 23.64 -1.89
N ASN B 109 22.05 23.86 -2.65
CA ASN B 109 21.93 24.60 -3.90
C ASN B 109 21.03 23.86 -4.91
N TYR B 110 21.14 22.53 -4.95
CA TYR B 110 20.29 21.75 -5.85
C TYR B 110 18.82 21.90 -5.42
N VAL B 111 18.57 21.70 -4.13
CA VAL B 111 17.21 21.83 -3.64
C VAL B 111 16.60 23.22 -3.90
N ASN B 112 17.38 24.26 -3.62
CA ASN B 112 16.88 25.59 -3.80
C ASN B 112 16.78 26.06 -5.24
N ALA B 113 17.68 25.61 -6.11
CA ALA B 113 17.61 26.05 -7.49
C ALA B 113 16.34 25.59 -8.22
N VAL B 114 15.78 24.44 -7.81
CA VAL B 114 14.59 23.93 -8.51
C VAL B 114 13.25 24.34 -7.91
N LYS B 115 13.30 25.22 -6.92
CA LYS B 115 12.11 25.65 -6.20
C LYS B 115 10.99 26.43 -6.87
N THR B 116 11.33 27.47 -7.62
CA THR B 116 10.29 28.30 -8.20
C THR B 116 10.49 28.54 -9.68
N PRO B 117 9.46 29.08 -10.36
CA PRO B 117 9.63 29.33 -11.79
C PRO B 117 10.85 30.24 -12.00
N ALA B 118 11.03 31.21 -11.11
CA ALA B 118 12.17 32.13 -11.21
C ALA B 118 13.52 31.43 -11.01
N SER B 119 13.64 30.67 -9.92
CA SER B 119 14.92 29.99 -9.68
C SER B 119 15.20 28.99 -10.80
N ARG B 120 14.18 28.28 -11.27
CA ARG B 120 14.37 27.31 -12.33
C ARG B 120 14.79 27.96 -13.66
N ALA B 121 14.20 29.12 -13.97
CA ALA B 121 14.57 29.84 -15.19
C ALA B 121 16.04 30.29 -15.11
N LYS B 122 16.42 30.81 -13.95
CA LYS B 122 17.79 31.31 -13.75
C LYS B 122 18.78 30.15 -13.86
N PHE B 123 18.46 29.05 -13.19
CA PHE B 123 19.32 27.87 -13.23
C PHE B 123 19.44 27.32 -14.66
N ALA B 124 18.30 27.10 -15.31
CA ALA B 124 18.30 26.58 -16.69
C ALA B 124 19.08 27.49 -17.64
N GLN B 125 18.85 28.79 -17.55
CA GLN B 125 19.59 29.70 -18.44
C GLN B 125 21.09 29.57 -18.18
N SER B 126 21.49 29.37 -16.93
CA SER B 126 22.91 29.25 -16.63
C SER B 126 23.50 27.95 -17.22
N CYS B 127 22.69 26.89 -17.26
CA CYS B 127 23.16 25.62 -17.82
C CYS B 127 23.48 25.82 -19.30
N VAL B 128 22.57 26.48 -20.02
CA VAL B 128 22.79 26.71 -21.41
C VAL B 128 23.95 27.70 -21.64
N ARG B 129 24.04 28.74 -20.81
CA ARG B 129 25.12 29.70 -20.97
C ARG B 129 26.48 29.01 -20.79
N ILE B 130 26.60 28.17 -19.76
CA ILE B 130 27.83 27.42 -19.54
C ILE B 130 28.07 26.51 -20.76
N MET B 131 27.02 25.81 -21.20
CA MET B 131 27.18 24.90 -22.35
C MET B 131 27.77 25.64 -23.54
N LYS B 132 27.18 26.77 -23.93
CA LYS B 132 27.67 27.54 -25.06
C LYS B 132 29.05 28.22 -24.84
N ASP B 133 29.28 28.73 -23.64
CA ASP B 133 30.53 29.41 -23.35
C ASP B 133 31.71 28.47 -23.46
N TYR B 134 31.58 27.24 -22.97
CA TYR B 134 32.71 26.31 -23.00
C TYR B 134 32.73 25.35 -24.20
N GLY B 135 31.64 25.31 -24.95
CA GLY B 135 31.59 24.50 -26.14
C GLY B 135 31.07 23.09 -25.98
N PHE B 136 30.29 22.84 -24.93
CA PHE B 136 29.75 21.50 -24.68
C PHE B 136 28.56 21.28 -25.63
N ASP B 137 28.14 20.02 -25.76
CA ASP B 137 27.08 19.62 -26.66
C ASP B 137 25.77 19.21 -25.99
N GLY B 138 25.74 19.33 -24.67
CA GLY B 138 24.53 18.97 -23.95
C GLY B 138 24.74 19.09 -22.46
N VAL B 139 23.64 18.93 -21.74
CA VAL B 139 23.65 19.04 -20.29
C VAL B 139 23.26 17.71 -19.64
N ASP B 140 24.06 17.27 -18.68
CA ASP B 140 23.76 16.06 -17.92
C ASP B 140 23.67 16.43 -16.44
N ILE B 141 22.63 15.97 -15.76
CA ILE B 141 22.51 16.32 -14.34
C ILE B 141 22.55 15.07 -13.49
N ASP B 142 23.49 15.06 -12.54
CA ASP B 142 23.68 13.92 -11.65
C ASP B 142 23.42 14.20 -10.16
N TRP B 143 22.18 14.56 -9.85
CA TRP B 143 21.77 14.85 -8.48
C TRP B 143 21.41 13.51 -7.83
N GLU B 144 22.20 13.10 -6.84
CA GLU B 144 21.96 11.84 -6.14
C GLU B 144 21.44 12.06 -4.70
N TYR B 145 20.13 12.21 -4.49
CA TYR B 145 19.06 12.22 -5.49
C TYR B 145 17.93 13.09 -4.96
N PRO B 146 17.11 13.65 -5.86
CA PRO B 146 16.03 14.48 -5.36
C PRO B 146 15.01 13.61 -4.67
N GLN B 147 14.35 14.14 -3.66
CA GLN B 147 13.32 13.31 -3.09
C GLN B 147 12.09 14.08 -2.77
N ALA B 148 11.10 13.37 -2.23
CA ALA B 148 9.88 13.98 -1.77
C ALA B 148 9.38 15.16 -2.57
N ALA B 149 9.26 16.25 -1.81
CA ALA B 149 8.76 17.51 -2.29
C ALA B 149 9.67 18.18 -3.27
N GLU B 150 10.84 17.59 -3.54
CA GLU B 150 11.79 18.17 -4.47
C GLU B 150 11.57 17.73 -5.91
N VAL B 151 10.97 16.55 -6.08
CA VAL B 151 10.76 16.00 -7.39
C VAL B 151 9.99 16.86 -8.40
N ASP B 152 8.91 17.52 -7.98
CA ASP B 152 8.17 18.34 -8.94
C ASP B 152 9.02 19.49 -9.45
N GLY B 153 9.82 20.09 -8.56
CA GLY B 153 10.69 21.19 -8.96
C GLY B 153 11.75 20.71 -9.95
N PHE B 154 12.32 19.56 -9.64
CA PHE B 154 13.34 18.91 -10.44
C PHE B 154 12.74 18.64 -11.84
N ILE B 155 11.55 18.06 -11.89
CA ILE B 155 10.90 17.80 -13.17
C ILE B 155 10.72 19.13 -13.95
N ALA B 156 10.17 20.14 -13.28
CA ALA B 156 9.97 21.43 -13.96
C ALA B 156 11.29 22.03 -14.42
N ALA B 157 12.39 21.82 -13.67
CA ALA B 157 13.70 22.37 -14.07
C ALA B 157 14.14 21.69 -15.37
N LEU B 158 13.99 20.36 -15.41
CA LEU B 158 14.37 19.57 -16.58
C LEU B 158 13.59 20.03 -17.82
N GLN B 159 12.31 20.30 -17.63
CA GLN B 159 11.44 20.74 -18.73
C GLN B 159 11.93 22.10 -19.24
N GLU B 160 12.31 22.97 -18.32
CA GLU B 160 12.79 24.30 -18.71
C GLU B 160 14.10 24.20 -19.50
N ILE B 161 15.04 23.40 -19.02
CA ILE B 161 16.31 23.24 -19.72
C ILE B 161 16.05 22.69 -21.11
N ARG B 162 15.12 21.74 -21.21
CA ARG B 162 14.77 21.15 -22.49
C ARG B 162 14.27 22.24 -23.44
N THR B 163 13.38 23.08 -22.95
CA THR B 163 12.85 24.16 -23.79
C THR B 163 13.99 25.07 -24.27
N LEU B 164 14.87 25.46 -23.36
CA LEU B 164 15.98 26.32 -23.72
C LEU B 164 16.96 25.66 -24.69
N LEU B 165 17.20 24.36 -24.51
CA LEU B 165 18.13 23.65 -25.38
C LEU B 165 17.56 23.51 -26.77
N ASN B 166 16.26 23.20 -26.85
CA ASN B 166 15.65 23.05 -28.15
C ASN B 166 15.68 24.35 -28.93
N GLN B 167 15.49 25.46 -28.24
CA GLN B 167 15.54 26.75 -28.91
C GLN B 167 16.97 27.03 -29.32
N GLN B 168 17.93 26.64 -28.48
CA GLN B 168 19.34 26.87 -28.80
C GLN B 168 19.72 26.06 -30.04
N THR B 169 19.17 24.85 -30.15
CA THR B 169 19.46 24.01 -31.29
C THR B 169 19.03 24.74 -32.58
N ILE B 170 17.83 25.32 -32.56
CA ILE B 170 17.34 26.04 -33.75
C ILE B 170 18.22 27.26 -34.01
N THR B 171 18.44 28.06 -32.98
CA THR B 171 19.26 29.27 -33.09
C THR B 171 20.63 28.98 -33.68
N ASP B 172 21.24 27.86 -33.29
CA ASP B 172 22.57 27.52 -33.76
C ASP B 172 22.61 26.68 -35.02
N GLY B 173 21.44 26.37 -35.59
CA GLY B 173 21.43 25.55 -36.79
C GLY B 173 22.04 24.17 -36.51
N ARG B 174 21.77 23.66 -35.30
CA ARG B 174 22.31 22.37 -34.86
C ARG B 174 21.35 21.18 -35.03
N GLN B 175 20.42 21.28 -35.97
CA GLN B 175 19.47 20.18 -36.18
C GLN B 175 20.14 18.82 -36.44
N ALA B 176 21.32 18.79 -37.07
CA ALA B 176 22.00 17.53 -37.36
C ALA B 176 22.61 16.89 -36.11
N LEU B 177 22.79 17.68 -35.05
CA LEU B 177 23.35 17.16 -33.81
C LEU B 177 22.80 18.07 -32.71
N PRO B 178 21.50 17.92 -32.40
CA PRO B 178 20.76 18.70 -31.39
C PRO B 178 21.38 18.63 -30.02
N TYR B 179 21.31 19.73 -29.28
CA TYR B 179 21.81 19.75 -27.92
C TYR B 179 20.96 18.75 -27.13
N GLN B 180 21.58 18.01 -26.24
CA GLN B 180 20.86 16.99 -25.49
C GLN B 180 20.83 17.23 -23.98
N LEU B 181 19.92 16.52 -23.32
CA LEU B 181 19.71 16.61 -21.88
C LEU B 181 19.57 15.21 -21.33
N THR B 182 20.39 14.88 -20.34
CA THR B 182 20.29 13.54 -19.75
C THR B 182 20.49 13.67 -18.25
N ILE B 183 20.28 12.56 -17.54
CA ILE B 183 20.56 12.53 -16.10
C ILE B 183 21.13 11.18 -15.75
N ALA B 184 21.84 11.12 -14.63
CA ALA B 184 22.37 9.87 -14.09
C ALA B 184 21.28 9.51 -13.08
N GLY B 185 20.68 8.32 -13.23
CA GLY B 185 19.62 7.89 -12.33
C GLY B 185 20.03 6.77 -11.40
N ALA B 186 19.32 6.62 -10.27
CA ALA B 186 19.61 5.57 -9.31
C ALA B 186 19.55 4.21 -10.01
N GLY B 187 20.46 3.31 -9.64
CA GLY B 187 20.50 1.98 -10.26
C GLY B 187 20.09 0.91 -9.27
N GLY B 188 19.64 1.36 -8.09
CA GLY B 188 19.19 0.44 -7.04
C GLY B 188 17.87 0.95 -6.43
N ALA B 189 16.96 0.05 -6.04
CA ALA B 189 15.65 0.42 -5.49
C ALA B 189 15.60 1.37 -4.29
N PHE B 190 16.56 1.29 -3.38
CA PHE B 190 16.50 2.19 -2.24
C PHE B 190 16.53 3.67 -2.64
N PHE B 191 17.51 4.09 -3.45
CA PHE B 191 17.52 5.49 -3.84
C PHE B 191 16.43 5.75 -4.87
N LEU B 192 16.16 4.75 -5.70
CA LEU B 192 15.12 4.90 -6.74
C LEU B 192 13.74 5.22 -6.13
N SER B 193 13.42 4.62 -4.99
CA SER B 193 12.13 4.86 -4.33
C SER B 193 11.90 6.36 -4.03
N ARG B 194 12.95 7.18 -4.00
CA ARG B 194 12.71 8.60 -3.71
C ARG B 194 11.87 9.28 -4.79
N TYR B 195 12.12 8.98 -6.06
CA TYR B 195 11.38 9.64 -7.14
C TYR B 195 10.67 8.68 -8.06
N TYR B 196 10.77 7.40 -7.76
CA TYR B 196 10.18 6.37 -8.60
C TYR B 196 8.76 6.64 -9.14
N SER B 197 7.86 7.11 -8.29
CA SER B 197 6.48 7.36 -8.72
C SER B 197 6.31 8.35 -9.86
N LYS B 198 7.28 9.24 -10.06
CA LYS B 198 7.19 10.24 -11.12
C LYS B 198 8.24 10.02 -12.21
N LEU B 199 8.69 8.78 -12.41
CA LEU B 199 9.69 8.49 -13.43
C LEU B 199 9.31 8.94 -14.83
N ALA B 200 8.05 8.74 -15.22
CA ALA B 200 7.62 9.14 -16.56
C ALA B 200 7.85 10.63 -16.80
N GLN B 201 7.51 11.46 -15.82
CA GLN B 201 7.69 12.90 -15.98
C GLN B 201 9.14 13.30 -16.00
N ILE B 202 9.96 12.59 -15.22
CA ILE B 202 11.39 12.87 -15.14
C ILE B 202 12.05 12.57 -16.49
N VAL B 203 11.68 11.42 -17.05
CA VAL B 203 12.26 10.95 -18.28
C VAL B 203 11.73 11.62 -19.54
N ALA B 204 10.52 12.17 -19.50
CA ALA B 204 9.97 12.82 -20.69
C ALA B 204 10.89 13.87 -21.36
N PRO B 205 11.50 14.77 -20.57
CA PRO B 205 12.36 15.77 -21.20
C PRO B 205 13.77 15.32 -21.57
N LEU B 206 14.12 14.08 -21.24
CA LEU B 206 15.45 13.56 -21.47
C LEU B 206 15.68 12.75 -22.74
N ASP B 207 16.91 12.79 -23.22
CA ASP B 207 17.28 11.95 -24.35
C ASP B 207 17.57 10.57 -23.76
N TYR B 208 18.15 10.56 -22.55
CA TYR B 208 18.46 9.29 -21.86
C TYR B 208 18.47 9.46 -20.36
N ILE B 209 18.16 8.38 -19.65
CA ILE B 209 18.33 8.36 -18.21
C ILE B 209 19.41 7.24 -18.07
N ASN B 210 20.57 7.60 -17.54
CA ASN B 210 21.69 6.65 -17.42
C ASN B 210 21.70 6.04 -16.04
N LEU B 211 21.34 4.76 -15.97
CA LEU B 211 21.22 4.08 -14.68
C LEU B 211 22.54 3.72 -14.07
N MET B 212 22.75 4.10 -12.81
CA MET B 212 24.01 3.72 -12.17
C MET B 212 23.84 2.33 -11.59
N THR B 213 23.66 1.37 -12.51
CA THR B 213 23.46 -0.03 -12.15
C THR B 213 24.76 -0.77 -11.77
N TYR B 214 25.38 -0.26 -10.70
CA TYR B 214 26.61 -0.83 -10.12
C TYR B 214 26.69 -0.29 -8.67
N ASP B 215 27.74 -0.62 -7.94
CA ASP B 215 27.80 -0.22 -6.53
C ASP B 215 26.59 -0.83 -5.80
N LEU B 216 26.12 -1.96 -6.31
CA LEU B 216 24.98 -2.64 -5.70
C LEU B 216 25.49 -3.51 -4.56
N ALA B 217 26.80 -3.54 -4.37
CA ALA B 217 27.43 -4.26 -3.24
C ALA B 217 28.52 -3.28 -2.79
N GLY B 218 28.95 -3.37 -1.54
CA GLY B 218 29.97 -2.46 -1.07
C GLY B 218 30.32 -2.76 0.38
N PRO B 219 31.33 -2.07 0.94
CA PRO B 219 31.74 -2.29 2.34
C PRO B 219 30.61 -2.01 3.32
N TRP B 220 29.67 -1.15 2.93
CA TRP B 220 28.56 -0.81 3.78
C TRP B 220 27.59 -2.00 3.95
N GLU B 221 27.77 -3.04 3.15
CA GLU B 221 26.93 -4.26 3.24
C GLU B 221 27.67 -5.36 4.00
N LYS B 222 26.96 -6.06 4.90
CA LYS B 222 27.57 -7.11 5.73
C LYS B 222 27.96 -8.38 4.98
N VAL B 223 27.34 -8.62 3.83
CA VAL B 223 27.64 -9.82 3.05
C VAL B 223 28.30 -9.43 1.71
N THR B 224 29.42 -10.08 1.37
CA THR B 224 30.09 -9.76 0.11
C THR B 224 29.20 -10.21 -1.04
N ASN B 225 29.23 -9.44 -2.12
CA ASN B 225 28.40 -9.76 -3.27
C ASN B 225 28.90 -9.06 -4.52
N HIS B 226 28.40 -9.49 -5.66
CA HIS B 226 28.74 -8.88 -6.95
C HIS B 226 28.11 -7.47 -6.93
N GLN B 227 28.88 -6.45 -7.33
CA GLN B 227 28.37 -5.09 -7.31
C GLN B 227 27.49 -4.74 -8.52
N ALA B 228 27.54 -5.59 -9.54
CA ALA B 228 26.74 -5.36 -10.72
C ALA B 228 26.24 -6.66 -11.36
N ALA B 229 25.71 -7.59 -10.57
CA ALA B 229 25.19 -8.81 -11.17
C ALA B 229 24.12 -8.47 -12.21
N LEU B 230 24.18 -9.10 -13.39
CA LEU B 230 23.17 -8.85 -14.42
C LEU B 230 21.87 -9.49 -13.94
N PHE B 231 21.96 -10.77 -13.56
CA PHE B 231 20.81 -11.53 -13.06
C PHE B 231 21.14 -12.01 -11.66
N GLY B 232 20.13 -12.51 -10.94
CA GLY B 232 20.35 -12.93 -9.59
C GLY B 232 20.80 -14.37 -9.40
N ASP B 233 21.51 -14.57 -8.29
CA ASP B 233 22.02 -15.88 -7.84
C ASP B 233 21.23 -16.17 -6.55
N ALA B 234 20.42 -17.21 -6.56
CA ALA B 234 19.63 -17.58 -5.39
C ALA B 234 20.51 -17.83 -4.15
N ALA B 235 21.80 -18.08 -4.37
CA ALA B 235 22.73 -18.31 -3.27
C ALA B 235 23.24 -17.00 -2.68
N GLY B 236 23.05 -15.89 -3.40
CA GLY B 236 23.53 -14.62 -2.87
C GLY B 236 22.53 -13.93 -1.96
N PRO B 237 22.90 -12.80 -1.34
CA PRO B 237 21.96 -12.10 -0.47
C PRO B 237 20.80 -11.51 -1.27
N THR B 238 19.69 -11.27 -0.59
CA THR B 238 18.52 -10.67 -1.22
C THR B 238 18.21 -9.43 -0.39
N PHE B 239 17.40 -8.53 -0.93
CA PHE B 239 17.09 -7.27 -0.25
C PHE B 239 15.63 -6.88 -0.17
N TYR B 240 15.35 -5.97 0.76
CA TYR B 240 14.02 -5.44 0.98
C TYR B 240 13.71 -4.63 -0.29
N ASN B 241 12.52 -4.76 -0.85
CA ASN B 241 12.20 -4.00 -2.07
C ASN B 241 11.56 -2.67 -1.68
N ALA B 242 12.40 -1.65 -1.55
CA ALA B 242 11.95 -0.32 -1.16
C ALA B 242 10.87 0.33 -2.04
N LEU B 243 10.77 -0.06 -3.30
CA LEU B 243 9.75 0.60 -4.13
C LEU B 243 8.34 0.37 -3.57
N ARG B 244 8.19 -0.67 -2.74
CA ARG B 244 6.91 -1.01 -2.10
C ARG B 244 6.45 0.12 -1.18
N GLU B 245 7.37 1.01 -0.84
CA GLU B 245 7.09 2.11 0.05
C GLU B 245 6.97 3.44 -0.64
N ALA B 246 7.09 3.44 -1.97
CA ALA B 246 6.96 4.69 -2.73
C ALA B 246 5.48 5.12 -2.73
N ASN B 247 5.23 6.42 -2.87
CA ASN B 247 3.87 6.95 -2.86
C ASN B 247 3.19 6.74 -4.20
N LEU B 248 2.72 5.51 -4.42
CA LEU B 248 2.10 5.14 -5.68
C LEU B 248 0.58 5.07 -5.66
N GLY B 249 0.00 4.81 -4.48
CA GLY B 249 -1.44 4.72 -4.37
C GLY B 249 -1.93 3.40 -4.93
N TRP B 250 -1.09 2.37 -4.84
CA TRP B 250 -1.48 1.05 -5.33
C TRP B 250 -1.99 0.22 -4.17
N SER B 251 -2.78 -0.81 -4.47
CA SER B 251 -3.29 -1.66 -3.39
C SER B 251 -2.20 -2.63 -2.94
N TRP B 252 -2.40 -3.28 -1.80
CA TRP B 252 -1.42 -4.24 -1.30
C TRP B 252 -1.08 -5.29 -2.37
N GLU B 253 -2.12 -5.80 -3.07
CA GLU B 253 -1.88 -6.84 -4.08
C GLU B 253 -1.04 -6.27 -5.22
N GLU B 254 -1.37 -5.04 -5.62
CA GLU B 254 -0.60 -4.44 -6.71
C GLU B 254 0.87 -4.21 -6.30
N LEU B 255 1.11 -3.75 -5.08
CA LEU B 255 2.46 -3.51 -4.62
C LEU B 255 3.23 -4.83 -4.56
N THR B 256 2.58 -5.86 -4.03
CA THR B 256 3.21 -7.15 -3.89
C THR B 256 3.59 -7.76 -5.24
N ARG B 257 2.68 -7.65 -6.21
CA ARG B 257 2.87 -8.18 -7.56
C ARG B 257 3.98 -7.41 -8.30
N ALA B 258 4.04 -6.10 -8.10
CA ALA B 258 5.07 -5.29 -8.75
C ALA B 258 6.44 -5.33 -8.08
N PHE B 259 6.44 -5.50 -6.76
CA PHE B 259 7.70 -5.46 -6.02
C PHE B 259 7.99 -6.68 -5.16
N PRO B 260 8.33 -7.81 -5.81
CA PRO B 260 8.64 -9.03 -5.06
C PRO B 260 9.65 -8.67 -3.99
N SER B 261 9.48 -9.18 -2.78
CA SER B 261 10.42 -8.88 -1.73
C SER B 261 10.53 -10.02 -0.74
N PRO B 262 11.77 -10.39 -0.36
CA PRO B 262 13.02 -9.79 -0.81
C PRO B 262 13.37 -10.18 -2.25
N PHE B 263 14.23 -9.38 -2.90
CA PHE B 263 14.63 -9.64 -4.28
C PHE B 263 16.16 -9.54 -4.46
N SER B 264 16.62 -9.90 -5.65
CA SER B 264 18.05 -9.84 -5.96
C SER B 264 18.35 -8.46 -6.52
N LEU B 265 19.23 -7.74 -5.85
CA LEU B 265 19.60 -6.40 -6.31
C LEU B 265 20.55 -6.60 -7.52
N THR B 266 20.01 -6.44 -8.72
CA THR B 266 20.77 -6.68 -9.94
C THR B 266 20.53 -5.60 -10.99
N VAL B 267 21.28 -5.67 -12.09
CA VAL B 267 21.12 -4.71 -13.16
C VAL B 267 19.76 -4.94 -13.82
N ASP B 268 19.40 -6.21 -14.01
CA ASP B 268 18.11 -6.56 -14.63
C ASP B 268 16.96 -6.03 -13.74
N ALA B 269 17.13 -6.11 -12.44
CA ALA B 269 16.06 -5.62 -11.57
C ALA B 269 15.81 -4.11 -11.77
N ALA B 270 16.88 -3.32 -11.82
CA ALA B 270 16.71 -1.88 -12.02
C ALA B 270 16.07 -1.54 -13.34
N VAL B 271 16.54 -2.20 -14.39
CA VAL B 271 16.00 -1.96 -15.71
C VAL B 271 14.53 -2.33 -15.76
N GLN B 272 14.20 -3.51 -15.25
CA GLN B 272 12.79 -3.94 -15.26
C GLN B 272 11.89 -3.04 -14.40
N GLN B 273 12.42 -2.55 -13.29
CA GLN B 273 11.67 -1.65 -12.41
C GLN B 273 11.32 -0.38 -13.16
N HIS B 274 12.25 0.09 -14.00
CA HIS B 274 11.97 1.30 -14.76
C HIS B 274 10.92 1.00 -15.85
N LEU B 275 11.04 -0.15 -16.48
CA LEU B 275 10.10 -0.53 -17.55
C LEU B 275 8.69 -0.80 -17.01
N MET B 276 8.58 -1.17 -15.74
CA MET B 276 7.29 -1.41 -15.09
C MET B 276 6.41 -0.13 -15.09
N MET B 277 7.05 1.03 -15.04
CA MET B 277 6.30 2.29 -15.01
C MET B 277 5.80 2.76 -16.39
N GLU B 278 4.52 3.05 -16.47
CA GLU B 278 3.94 3.51 -17.72
C GLU B 278 4.59 4.80 -18.23
N GLY B 279 4.84 4.88 -19.52
CA GLY B 279 5.42 6.10 -20.06
C GLY B 279 6.94 6.19 -20.03
N VAL B 280 7.63 5.13 -19.62
CA VAL B 280 9.08 5.13 -19.59
C VAL B 280 9.52 4.22 -20.76
N PRO B 281 9.96 4.81 -21.89
CA PRO B 281 10.38 3.99 -23.05
C PRO B 281 11.74 3.36 -22.86
N SER B 282 11.86 2.10 -23.27
CA SER B 282 13.11 1.36 -23.13
C SER B 282 14.24 2.07 -23.85
N ALA B 283 13.94 2.69 -24.98
CA ALA B 283 14.95 3.39 -25.76
C ALA B 283 15.69 4.52 -25.00
N LYS B 284 15.09 5.06 -23.94
CA LYS B 284 15.76 6.14 -23.19
C LYS B 284 16.54 5.59 -22.00
N ILE B 285 16.36 4.32 -21.72
CA ILE B 285 17.06 3.74 -20.56
C ILE B 285 18.46 3.33 -20.93
N VAL B 286 19.45 3.83 -20.18
CA VAL B 286 20.83 3.47 -20.50
C VAL B 286 21.40 2.68 -19.34
N MET B 287 21.99 1.52 -19.64
CA MET B 287 22.55 0.69 -18.59
C MET B 287 23.95 1.14 -18.21
N GLY B 288 24.17 1.48 -16.96
CA GLY B 288 25.50 1.89 -16.57
C GLY B 288 26.30 0.67 -16.15
N VAL B 289 27.61 0.70 -16.38
CA VAL B 289 28.49 -0.38 -15.98
C VAL B 289 29.73 0.26 -15.36
N PRO B 290 30.36 -0.43 -14.41
CA PRO B 290 31.56 0.04 -13.73
C PRO B 290 32.85 -0.36 -14.44
N PHE B 291 33.82 0.56 -14.54
CA PHE B 291 35.11 0.21 -15.13
C PHE B 291 36.11 -0.04 -13.98
N TYR B 292 35.58 -0.28 -12.78
CA TYR B 292 36.36 -0.54 -11.58
C TYR B 292 35.72 -1.66 -10.77
N GLY B 293 36.51 -2.25 -9.89
CA GLY B 293 36.01 -3.31 -9.03
C GLY B 293 36.05 -2.85 -7.57
N ARG B 294 35.32 -3.56 -6.72
CA ARG B 294 35.27 -3.25 -5.30
C ARG B 294 35.86 -4.46 -4.59
N ALA B 295 36.79 -4.17 -3.68
CA ALA B 295 37.50 -5.24 -2.98
C ALA B 295 37.14 -5.32 -1.52
N PHE B 296 37.12 -6.55 -1.00
CA PHE B 296 36.80 -6.82 0.40
C PHE B 296 37.89 -7.73 0.98
N LYS B 297 38.15 -7.57 2.28
CA LYS B 297 39.13 -8.39 3.00
C LYS B 297 38.41 -9.13 4.12
N GLY B 298 39.08 -10.13 4.70
CA GLY B 298 38.49 -10.89 5.79
C GLY B 298 37.42 -11.85 5.30
N VAL B 299 37.48 -12.27 4.05
CA VAL B 299 36.46 -13.17 3.53
C VAL B 299 36.78 -14.64 3.78
N SER B 300 35.72 -15.44 3.89
CA SER B 300 35.83 -16.88 4.13
C SER B 300 35.86 -17.64 2.82
N GLY B 301 36.50 -18.80 2.82
CA GLY B 301 36.59 -19.60 1.62
C GLY B 301 35.40 -20.53 1.43
N GLY B 302 35.50 -21.37 0.41
CA GLY B 302 34.44 -22.32 0.13
C GLY B 302 33.58 -21.90 -1.04
N ASN B 303 33.47 -20.59 -1.25
CA ASN B 303 32.67 -20.09 -2.35
C ASN B 303 33.37 -18.93 -3.06
N GLY B 304 34.66 -19.10 -3.30
CA GLY B 304 35.44 -18.09 -3.97
C GLY B 304 35.38 -16.72 -3.30
N GLY B 305 34.99 -16.69 -2.03
CA GLY B 305 34.88 -15.43 -1.33
C GLY B 305 33.53 -14.75 -1.53
N GLN B 306 32.65 -15.38 -2.30
CA GLN B 306 31.32 -14.84 -2.56
C GLN B 306 30.39 -15.04 -1.38
N TYR B 307 29.54 -14.05 -1.12
CA TYR B 307 28.54 -14.14 -0.08
C TYR B 307 29.11 -14.52 1.27
N SER B 308 30.25 -13.95 1.61
CA SER B 308 30.89 -14.23 2.87
C SER B 308 30.89 -13.01 3.77
N SER B 309 31.22 -13.25 5.03
CA SER B 309 31.32 -12.18 6.00
C SER B 309 32.66 -11.57 5.63
N HIS B 310 32.91 -10.34 6.06
CA HIS B 310 34.16 -9.66 5.73
C HIS B 310 34.47 -8.62 6.78
N SER B 311 35.68 -8.07 6.74
CA SER B 311 36.09 -7.06 7.70
C SER B 311 36.61 -5.81 7.00
N THR B 312 35.83 -5.35 6.02
CA THR B 312 36.20 -4.17 5.25
C THR B 312 35.57 -2.89 5.81
N PRO B 313 36.40 -1.88 6.12
CA PRO B 313 35.94 -0.60 6.67
C PRO B 313 34.95 0.04 5.70
N GLY B 314 34.00 0.78 6.24
CA GLY B 314 32.99 1.42 5.41
C GLY B 314 33.15 2.94 5.38
N GLU B 315 33.91 3.48 6.33
CA GLU B 315 34.13 4.92 6.43
C GLU B 315 34.64 5.53 5.13
N ASP B 316 34.48 6.84 5.02
CA ASP B 316 34.93 7.57 3.86
C ASP B 316 35.41 8.93 4.35
N PRO B 317 36.69 9.24 4.12
CA PRO B 317 37.69 8.43 3.43
C PRO B 317 38.12 7.13 4.15
N TYR B 318 38.93 6.34 3.45
CA TYR B 318 39.46 5.10 4.02
C TYR B 318 40.15 5.60 5.29
N PRO B 319 39.70 5.10 6.46
CA PRO B 319 40.18 5.41 7.81
C PRO B 319 41.49 4.82 8.29
N SER B 320 42.14 4.05 7.44
CA SER B 320 43.37 3.37 7.83
C SER B 320 44.53 3.64 6.85
N THR B 321 45.72 3.20 7.22
CA THR B 321 46.91 3.38 6.39
C THR B 321 47.33 2.03 5.81
N ASP B 322 46.58 1.01 6.20
CA ASP B 322 46.76 -0.38 5.80
C ASP B 322 46.25 -0.63 4.37
N TYR B 323 47.15 -0.83 3.39
CA TYR B 323 46.75 -1.10 2.01
C TYR B 323 46.95 -2.58 1.67
N TRP B 324 45.88 -3.33 1.92
CA TRP B 324 45.84 -4.78 1.77
C TRP B 324 45.43 -5.39 0.44
N LEU B 325 45.13 -4.58 -0.57
CA LEU B 325 44.77 -5.20 -1.84
C LEU B 325 46.08 -5.48 -2.55
N VAL B 326 46.55 -6.71 -2.44
CA VAL B 326 47.82 -7.15 -3.02
C VAL B 326 48.04 -6.81 -4.48
N GLY B 327 49.15 -6.13 -4.75
CA GLY B 327 49.50 -5.77 -6.11
C GLY B 327 48.83 -4.51 -6.65
N CYS B 328 47.93 -3.93 -5.87
CA CYS B 328 47.22 -2.71 -6.29
C CYS B 328 48.00 -1.46 -5.89
N GLU B 329 48.93 -1.04 -6.73
CA GLU B 329 49.72 0.15 -6.43
C GLU B 329 48.89 1.42 -6.60
N GLU B 330 47.91 1.36 -7.48
CA GLU B 330 47.00 2.48 -7.72
C GLU B 330 46.29 2.78 -6.39
N CYS B 331 45.92 1.71 -5.67
CA CYS B 331 45.25 1.84 -4.39
C CYS B 331 46.10 2.63 -3.39
N VAL B 332 47.41 2.37 -3.40
CA VAL B 332 48.32 3.08 -2.50
C VAL B 332 48.31 4.57 -2.89
N ARG B 333 48.43 4.82 -4.19
CA ARG B 333 48.42 6.19 -4.74
C ARG B 333 47.15 6.90 -4.31
N ASP B 334 46.02 6.20 -4.45
CA ASP B 334 44.74 6.78 -4.10
C ASP B 334 44.35 6.58 -2.63
N LYS B 335 45.22 5.92 -1.88
CA LYS B 335 44.99 5.68 -0.47
C LYS B 335 43.71 4.93 -0.11
N ASP B 336 43.34 3.93 -0.90
CA ASP B 336 42.13 3.19 -0.60
C ASP B 336 42.26 1.82 -1.23
N PRO B 337 42.25 0.76 -0.43
CA PRO B 337 42.38 -0.57 -1.04
C PRO B 337 41.04 -1.18 -1.44
N ARG B 338 39.94 -0.44 -1.25
CA ARG B 338 38.60 -0.96 -1.55
C ARG B 338 38.09 -0.81 -2.99
N ILE B 339 38.79 0.01 -3.78
CA ILE B 339 38.40 0.25 -5.17
C ILE B 339 39.61 0.13 -6.08
N ALA B 340 39.47 -0.58 -7.19
CA ALA B 340 40.58 -0.73 -8.13
C ALA B 340 40.07 -0.64 -9.55
N SER B 341 40.77 0.11 -10.38
CA SER B 341 40.36 0.23 -11.77
C SER B 341 40.57 -1.10 -12.46
N TYR B 342 39.80 -1.35 -13.51
CA TYR B 342 39.94 -2.57 -14.27
C TYR B 342 41.38 -2.63 -14.81
N ARG B 343 41.91 -1.47 -15.20
CA ARG B 343 43.28 -1.43 -15.72
C ARG B 343 44.22 -2.05 -14.67
N GLN B 344 44.05 -1.66 -13.42
CA GLN B 344 44.88 -2.15 -12.31
C GLN B 344 44.58 -3.62 -12.01
N LEU B 345 43.30 -3.99 -12.00
CA LEU B 345 42.92 -5.37 -11.74
C LEU B 345 43.52 -6.29 -12.79
N GLU B 346 43.52 -5.85 -14.05
CA GLU B 346 44.08 -6.64 -15.12
C GLU B 346 45.57 -6.84 -14.89
N GLN B 347 46.25 -5.79 -14.40
CA GLN B 347 47.67 -5.88 -14.12
C GLN B 347 47.93 -6.84 -12.97
N MET B 348 47.03 -6.85 -11.99
CA MET B 348 47.16 -7.75 -10.84
C MET B 348 47.02 -9.20 -11.29
N LEU B 349 46.19 -9.42 -12.31
CA LEU B 349 46.00 -10.76 -12.87
C LEU B 349 47.20 -11.20 -13.71
N GLN B 350 48.01 -10.24 -14.15
CA GLN B 350 49.20 -10.56 -14.95
C GLN B 350 50.45 -10.50 -14.05
N GLY B 351 50.26 -10.22 -12.77
CA GLY B 351 51.39 -10.08 -11.87
C GLY B 351 51.70 -11.27 -11.01
N ASN B 352 51.01 -12.38 -11.23
CA ASN B 352 51.27 -13.60 -10.45
C ASN B 352 51.30 -13.20 -8.97
N TYR B 353 50.18 -12.67 -8.49
CA TYR B 353 50.03 -12.23 -7.10
C TYR B 353 49.16 -13.19 -6.28
N GLY B 354 48.74 -14.31 -6.88
CA GLY B 354 47.93 -15.27 -6.16
C GLY B 354 46.41 -15.09 -6.22
N TYR B 355 45.92 -14.41 -7.25
CA TYR B 355 44.49 -14.19 -7.42
C TYR B 355 43.99 -15.24 -8.39
N GLN B 356 42.74 -15.67 -8.18
CA GLN B 356 42.11 -16.61 -9.08
C GLN B 356 40.97 -15.82 -9.71
N ARG B 357 40.88 -15.82 -11.03
CA ARG B 357 39.76 -15.15 -11.69
C ARG B 357 38.66 -16.19 -11.82
N LEU B 358 37.56 -15.99 -11.11
CA LEU B 358 36.43 -16.90 -11.15
C LEU B 358 35.24 -16.24 -11.86
N TRP B 359 34.26 -17.05 -12.25
CA TRP B 359 33.09 -16.57 -12.98
C TRP B 359 31.78 -17.10 -12.40
N ASN B 360 30.80 -16.21 -12.19
CA ASN B 360 29.52 -16.67 -11.69
C ASN B 360 28.61 -16.73 -12.90
N ASP B 361 28.20 -17.94 -13.28
CA ASP B 361 27.37 -18.09 -14.45
C ASP B 361 25.89 -17.75 -14.29
N LYS B 362 25.47 -17.39 -13.08
CA LYS B 362 24.09 -16.95 -12.87
C LYS B 362 24.07 -15.42 -13.06
N THR B 363 24.99 -14.76 -12.37
CA THR B 363 25.09 -13.29 -12.42
C THR B 363 25.76 -12.78 -13.71
N LYS B 364 26.47 -13.69 -14.39
CA LYS B 364 27.25 -13.39 -15.59
C LYS B 364 28.29 -12.30 -15.31
N THR B 365 28.99 -12.43 -14.20
CA THR B 365 30.03 -11.49 -13.82
C THR B 365 31.23 -12.23 -13.24
N PRO B 366 32.43 -11.67 -13.43
CA PRO B 366 33.64 -12.30 -12.92
C PRO B 366 33.91 -11.79 -11.51
N TYR B 367 34.84 -12.43 -10.81
CA TYR B 367 35.25 -11.98 -9.49
C TYR B 367 36.63 -12.57 -9.20
N LEU B 368 37.39 -11.90 -8.35
CA LEU B 368 38.71 -12.38 -7.98
C LEU B 368 38.65 -12.96 -6.59
N TYR B 369 39.47 -13.97 -6.35
CA TYR B 369 39.53 -14.59 -5.04
C TYR B 369 40.99 -14.84 -4.73
N HIS B 370 41.40 -14.34 -3.57
CA HIS B 370 42.77 -14.51 -3.13
C HIS B 370 42.65 -15.38 -1.90
N ALA B 371 42.80 -16.69 -2.11
CA ALA B 371 42.67 -17.68 -1.05
C ALA B 371 43.66 -17.43 0.10
N GLN B 372 44.91 -17.24 -0.26
CA GLN B 372 45.95 -17.02 0.73
C GLN B 372 45.64 -15.88 1.69
N ASN B 373 45.22 -14.73 1.15
CA ASN B 373 44.95 -13.58 1.99
C ASN B 373 43.49 -13.29 2.33
N GLY B 374 42.59 -14.10 1.79
CA GLY B 374 41.18 -13.91 2.09
C GLY B 374 40.59 -12.65 1.49
N LEU B 375 40.78 -12.48 0.19
CA LEU B 375 40.25 -11.29 -0.49
C LEU B 375 39.25 -11.68 -1.57
N PHE B 376 38.29 -10.79 -1.79
CA PHE B 376 37.24 -10.95 -2.81
C PHE B 376 37.11 -9.64 -3.57
N VAL B 377 37.10 -9.70 -4.91
CA VAL B 377 36.93 -8.51 -5.73
C VAL B 377 35.81 -8.72 -6.75
N THR B 378 34.83 -7.84 -6.74
CA THR B 378 33.74 -7.92 -7.69
C THR B 378 33.99 -6.80 -8.70
N TYR B 379 34.01 -7.17 -9.98
CA TYR B 379 34.26 -6.24 -11.07
C TYR B 379 33.59 -6.74 -12.34
N ASP B 380 33.73 -5.97 -13.41
CA ASP B 380 33.18 -6.29 -14.72
C ASP B 380 34.33 -6.33 -15.70
N ASP B 381 34.17 -7.08 -16.78
CA ASP B 381 35.22 -7.16 -17.78
C ASP B 381 34.62 -7.38 -19.17
N ALA B 382 35.45 -7.63 -20.18
CA ALA B 382 34.92 -7.83 -21.55
C ALA B 382 33.93 -8.98 -21.65
N GLU B 383 34.09 -10.00 -20.82
CA GLU B 383 33.19 -11.14 -20.86
C GLU B 383 31.82 -10.77 -20.25
N SER B 384 31.82 -10.15 -19.07
CA SER B 384 30.51 -9.79 -18.52
C SER B 384 29.83 -8.77 -19.46
N PHE B 385 30.61 -7.96 -20.16
CA PHE B 385 29.97 -7.00 -21.07
C PHE B 385 29.27 -7.67 -22.26
N LYS B 386 29.64 -8.91 -22.59
CA LYS B 386 28.95 -9.61 -23.70
C LYS B 386 27.47 -9.83 -23.32
N TYR B 387 27.23 -10.29 -22.10
CA TYR B 387 25.86 -10.53 -21.62
C TYR B 387 25.12 -9.21 -21.45
N LYS B 388 25.79 -8.21 -20.89
CA LYS B 388 25.12 -6.92 -20.73
C LYS B 388 24.79 -6.28 -22.05
N ALA B 389 25.68 -6.39 -23.03
CA ALA B 389 25.41 -5.82 -24.33
C ALA B 389 24.26 -6.58 -25.01
N LYS B 390 24.23 -7.90 -24.88
CA LYS B 390 23.12 -8.66 -25.49
C LYS B 390 21.78 -8.22 -24.80
N TYR B 391 21.83 -8.06 -23.48
CA TYR B 391 20.65 -7.63 -22.73
C TYR B 391 20.16 -6.28 -23.26
N ILE B 392 21.08 -5.34 -23.45
CA ILE B 392 20.72 -4.02 -23.98
C ILE B 392 20.05 -4.14 -25.34
N LYS B 393 20.51 -5.09 -26.15
CA LYS B 393 19.94 -5.29 -27.47
C LYS B 393 18.57 -5.93 -27.35
N GLN B 394 18.49 -7.04 -26.61
CA GLN B 394 17.22 -7.77 -26.43
C GLN B 394 16.12 -6.93 -25.77
N GLN B 395 16.53 -6.10 -24.81
CA GLN B 395 15.57 -5.26 -24.10
C GLN B 395 15.30 -3.96 -24.80
N GLN B 396 15.98 -3.72 -25.92
CA GLN B 396 15.80 -2.50 -26.68
C GLN B 396 16.10 -1.26 -25.84
N LEU B 397 17.20 -1.31 -25.09
CA LEU B 397 17.62 -0.18 -24.28
C LEU B 397 18.36 0.82 -25.14
N GLY B 398 18.54 2.03 -24.64
CA GLY B 398 19.21 3.06 -25.43
C GLY B 398 20.69 2.88 -25.62
N GLY B 399 21.33 2.15 -24.71
CA GLY B 399 22.76 1.96 -24.82
C GLY B 399 23.44 1.68 -23.47
N VAL B 400 24.71 2.06 -23.38
CA VAL B 400 25.49 1.83 -22.17
C VAL B 400 26.20 3.10 -21.71
N MET B 401 26.36 3.23 -20.39
CA MET B 401 27.09 4.37 -19.79
C MET B 401 28.13 3.73 -18.88
N PHE B 402 29.25 4.39 -18.66
CA PHE B 402 30.22 3.81 -17.75
C PHE B 402 31.04 4.87 -17.02
N TRP B 403 31.43 4.50 -15.81
CA TRP B 403 32.27 5.30 -14.93
C TRP B 403 33.51 4.45 -14.64
N HIS B 404 34.72 4.93 -15.01
CA HIS B 404 34.90 6.11 -15.88
C HIS B 404 36.04 5.80 -16.87
N LEU B 405 36.19 6.64 -17.90
CA LEU B 405 37.23 6.44 -18.93
C LEU B 405 38.64 6.16 -18.41
N GLY B 406 39.03 6.88 -17.36
CA GLY B 406 40.38 6.71 -16.83
C GLY B 406 40.67 5.34 -16.23
N GLN B 407 39.65 4.51 -16.03
CA GLN B 407 39.84 3.17 -15.42
C GLN B 407 39.93 2.01 -16.43
N ASP B 408 39.70 2.28 -17.71
CA ASP B 408 39.86 1.25 -18.75
C ASP B 408 41.39 1.00 -18.81
N ASN B 409 41.85 -0.09 -19.42
CA ASN B 409 43.30 -0.27 -19.50
C ASN B 409 43.84 0.70 -20.55
N ARG B 410 45.16 0.81 -20.65
CA ARG B 410 45.77 1.74 -21.61
C ARG B 410 45.29 1.59 -23.04
N ASN B 411 44.99 0.36 -23.44
CA ASN B 411 44.53 0.12 -24.80
C ASN B 411 43.05 0.42 -25.03
N GLY B 412 42.33 0.73 -23.96
CA GLY B 412 40.92 1.04 -24.07
C GLY B 412 40.10 -0.21 -24.41
N ASP B 413 40.52 -1.36 -23.87
CA ASP B 413 39.84 -2.61 -24.19
C ASP B 413 38.35 -2.76 -23.81
N LEU B 414 37.97 -2.27 -22.64
CA LEU B 414 36.57 -2.38 -22.24
C LEU B 414 35.69 -1.53 -23.18
N LEU B 415 36.13 -0.30 -23.49
CA LEU B 415 35.36 0.53 -24.43
C LEU B 415 35.31 -0.16 -25.81
N ALA B 416 36.43 -0.73 -26.24
CA ALA B 416 36.48 -1.39 -27.55
C ALA B 416 35.50 -2.58 -27.59
N ALA B 417 35.37 -3.28 -26.47
CA ALA B 417 34.49 -4.44 -26.39
C ALA B 417 33.05 -4.01 -26.54
N LEU B 418 32.65 -2.99 -25.80
CA LEU B 418 31.29 -2.50 -25.86
C LEU B 418 30.98 -2.08 -27.28
N ASP B 419 31.90 -1.34 -27.91
CA ASP B 419 31.69 -0.91 -29.28
C ASP B 419 31.56 -2.13 -30.20
N ARG B 420 32.44 -3.10 -30.00
CA ARG B 420 32.39 -4.31 -30.81
C ARG B 420 31.06 -5.06 -30.69
N TYR B 421 30.59 -5.26 -29.46
CA TYR B 421 29.35 -5.99 -29.23
C TYR B 421 28.15 -5.36 -29.87
N PHE B 422 28.16 -4.04 -29.99
CA PHE B 422 27.03 -3.37 -30.61
C PHE B 422 27.16 -3.18 -32.11
N ASN B 423 28.38 -2.99 -32.60
CA ASN B 423 28.54 -2.65 -34.00
C ASN B 423 29.42 -3.46 -34.93
N ALA B 424 30.28 -4.32 -34.41
CA ALA B 424 31.16 -5.08 -35.28
C ALA B 424 30.46 -6.12 -36.13
N ALA B 425 30.77 -6.13 -37.43
CA ALA B 425 30.17 -7.10 -38.34
C ALA B 425 30.68 -8.49 -38.02
N ASP B 426 31.87 -8.59 -37.45
CA ASP B 426 32.44 -9.89 -37.15
C ASP B 426 32.25 -10.42 -35.75
N TYR B 427 31.33 -9.80 -35.00
CA TYR B 427 31.01 -10.27 -33.65
C TYR B 427 29.59 -10.79 -33.77
N ASP B 428 29.37 -12.01 -33.30
CA ASP B 428 28.05 -12.64 -33.39
C ASP B 428 27.64 -13.27 -32.08
N ASP B 429 26.73 -12.60 -31.37
CA ASP B 429 26.25 -13.12 -30.10
C ASP B 429 24.90 -13.83 -30.22
N SER B 430 24.48 -14.16 -31.46
CA SER B 430 23.19 -14.83 -31.65
C SER B 430 23.03 -16.08 -30.79
N GLN B 431 24.13 -16.78 -30.53
CA GLN B 431 24.05 -17.99 -29.71
C GLN B 431 24.54 -17.83 -28.27
N LEU B 432 24.80 -16.60 -27.82
CA LEU B 432 25.26 -16.40 -26.45
C LEU B 432 24.14 -16.78 -25.47
N ASP B 433 24.41 -17.71 -24.58
CA ASP B 433 23.41 -18.19 -23.61
C ASP B 433 23.33 -17.27 -22.41
N MET B 434 22.18 -16.63 -22.24
CA MET B 434 21.96 -15.69 -21.16
C MET B 434 21.82 -16.31 -19.78
N GLY B 435 21.85 -17.63 -19.72
CA GLY B 435 21.81 -18.30 -18.43
C GLY B 435 20.48 -18.44 -17.70
N THR B 436 20.56 -19.02 -16.51
CA THR B 436 19.35 -19.25 -15.71
C THR B 436 19.31 -18.47 -14.42
N GLY B 437 20.09 -17.39 -14.35
CA GLY B 437 20.06 -16.59 -13.14
C GLY B 437 18.67 -15.99 -12.98
N LEU B 438 18.36 -15.52 -11.77
CA LEU B 438 17.03 -14.98 -11.53
C LEU B 438 16.72 -13.65 -12.22
N ARG B 439 15.59 -13.67 -12.95
CA ARG B 439 15.05 -12.51 -13.64
C ARG B 439 14.06 -11.78 -12.71
N TYR B 440 14.02 -10.46 -12.80
CA TYR B 440 13.09 -9.67 -12.00
C TYR B 440 11.74 -9.84 -12.72
N THR B 441 10.73 -10.35 -12.03
CA THR B 441 9.43 -10.55 -12.66
C THR B 441 8.23 -9.77 -12.14
N GLY B 442 8.45 -8.63 -11.49
CA GLY B 442 7.31 -7.87 -11.03
C GLY B 442 6.48 -7.31 -12.18
N VAL B 443 5.19 -7.08 -11.95
CA VAL B 443 4.32 -6.49 -12.96
C VAL B 443 3.47 -5.41 -12.30
N GLY B 444 3.48 -4.22 -12.87
CA GLY B 444 2.70 -3.14 -12.29
C GLY B 444 1.50 -2.79 -13.13
N PRO B 445 0.48 -2.11 -12.55
CA PRO B 445 -0.73 -1.70 -13.25
C PRO B 445 -0.38 -0.95 -14.54
N GLY B 446 0.91 -0.61 -14.68
CA GLY B 446 1.39 0.09 -15.85
C GLY B 446 2.15 -0.76 -16.88
N ASN B 447 2.22 -2.08 -16.67
CA ASN B 447 2.89 -2.97 -17.63
C ASN B 447 2.16 -4.32 -17.64
N LEU B 448 0.83 -4.24 -17.59
CA LEU B 448 0.00 -5.43 -17.56
C LEU B 448 -0.06 -6.10 -18.92
N PRO B 449 -0.10 -7.45 -18.92
CA PRO B 449 -0.16 -8.18 -20.19
C PRO B 449 -1.54 -8.09 -20.81
N ILE B 450 -1.60 -8.38 -22.11
CA ILE B 450 -2.87 -8.39 -22.81
C ILE B 450 -3.56 -9.64 -22.26
N MET B 451 -4.83 -9.53 -21.90
CA MET B 451 -5.58 -10.69 -21.41
C MET B 451 -6.93 -10.65 -22.07
N THR B 452 -7.66 -11.76 -21.98
CA THR B 452 -8.98 -11.84 -22.60
C THR B 452 -9.97 -12.44 -21.59
N ALA B 453 -11.11 -11.80 -21.43
CA ALA B 453 -12.14 -12.29 -20.52
C ALA B 453 -13.52 -11.74 -20.88
N PRO B 454 -14.60 -12.46 -20.49
CA PRO B 454 -15.98 -12.03 -20.77
C PRO B 454 -16.21 -10.64 -20.17
N ALA B 455 -17.06 -9.84 -20.81
CA ALA B 455 -17.34 -8.51 -20.29
C ALA B 455 -18.10 -8.64 -18.99
N TYR B 456 -17.83 -7.69 -18.09
CA TYR B 456 -18.50 -7.67 -16.80
C TYR B 456 -20.01 -7.52 -17.06
N VAL B 457 -20.82 -8.23 -16.30
CA VAL B 457 -22.27 -8.14 -16.45
C VAL B 457 -22.88 -7.62 -15.15
N PRO B 458 -23.37 -6.36 -15.15
CA PRO B 458 -23.98 -5.78 -13.95
C PRO B 458 -25.12 -6.65 -13.40
N GLY B 459 -25.21 -6.79 -12.07
CA GLY B 459 -26.27 -7.58 -11.48
C GLY B 459 -25.90 -9.04 -11.32
N THR B 460 -24.67 -9.36 -11.70
CA THR B 460 -24.16 -10.72 -11.57
C THR B 460 -23.34 -10.83 -10.29
N THR B 461 -23.33 -12.02 -9.69
CA THR B 461 -22.53 -12.24 -8.49
C THR B 461 -21.37 -13.10 -8.90
N TYR B 462 -20.15 -12.61 -8.70
CA TYR B 462 -18.95 -13.31 -9.10
C TYR B 462 -18.25 -14.05 -7.96
N ALA B 463 -17.75 -15.23 -8.29
CA ALA B 463 -17.01 -16.01 -7.30
C ALA B 463 -15.58 -15.50 -7.24
N GLN B 464 -14.83 -15.95 -6.24
CA GLN B 464 -13.44 -15.57 -6.09
C GLN B 464 -12.62 -16.03 -7.30
N GLY B 465 -11.68 -15.21 -7.75
CA GLY B 465 -10.87 -15.62 -8.88
C GLY B 465 -11.46 -15.42 -10.27
N ALA B 466 -12.71 -14.97 -10.34
CA ALA B 466 -13.37 -14.74 -11.62
C ALA B 466 -12.69 -13.59 -12.37
N LEU B 467 -12.65 -13.70 -13.70
CA LEU B 467 -12.04 -12.70 -14.55
C LEU B 467 -13.08 -12.07 -15.47
N VAL B 468 -13.04 -10.75 -15.60
CA VAL B 468 -13.97 -10.05 -16.51
C VAL B 468 -13.22 -8.90 -17.17
N SER B 469 -13.76 -8.43 -18.29
CA SER B 469 -13.15 -7.28 -18.92
C SER B 469 -14.11 -6.12 -18.65
N TYR B 470 -13.54 -4.97 -18.36
CA TYR B 470 -14.34 -3.81 -18.06
C TYR B 470 -13.51 -2.56 -18.17
N GLN B 471 -14.02 -1.60 -18.94
CA GLN B 471 -13.37 -0.31 -19.17
C GLN B 471 -11.90 -0.35 -19.56
N GLY B 472 -11.56 -1.26 -20.48
CA GLY B 472 -10.19 -1.35 -20.96
C GLY B 472 -9.26 -2.29 -20.21
N TYR B 473 -9.76 -2.89 -19.13
CA TYR B 473 -8.92 -3.81 -18.37
C TYR B 473 -9.60 -5.13 -18.09
N VAL B 474 -8.80 -6.12 -17.73
CA VAL B 474 -9.28 -7.44 -17.31
C VAL B 474 -9.07 -7.41 -15.79
N TRP B 475 -10.12 -7.77 -15.05
CA TRP B 475 -10.10 -7.74 -13.60
C TRP B 475 -10.39 -9.08 -12.97
N GLN B 476 -9.73 -9.34 -11.85
CA GLN B 476 -9.94 -10.58 -11.13
C GLN B 476 -10.46 -10.26 -9.71
N THR B 477 -11.44 -11.03 -9.26
CA THR B 477 -12.02 -10.85 -7.92
C THR B 477 -11.07 -11.47 -6.89
N LYS B 478 -10.89 -10.79 -5.76
CA LYS B 478 -9.99 -11.25 -4.69
C LYS B 478 -10.72 -12.06 -3.60
N TRP B 479 -12.04 -12.11 -3.67
CA TRP B 479 -12.81 -12.91 -2.75
C TRP B 479 -14.15 -13.20 -3.40
N GLY B 480 -15.03 -13.94 -2.72
CA GLY B 480 -16.30 -14.30 -3.33
C GLY B 480 -17.50 -13.41 -3.14
N TYR B 481 -18.60 -13.80 -3.77
CA TYR B 481 -19.88 -13.09 -3.71
C TYR B 481 -19.75 -11.62 -4.10
N ILE B 482 -19.02 -11.37 -5.18
CA ILE B 482 -18.83 -10.00 -5.63
C ILE B 482 -20.03 -9.50 -6.43
N THR B 483 -20.69 -8.47 -5.92
CA THR B 483 -21.86 -7.90 -6.59
C THR B 483 -21.55 -6.47 -7.04
N SER B 484 -20.34 -6.02 -6.72
CA SER B 484 -19.87 -4.67 -7.11
C SER B 484 -19.20 -4.69 -8.50
N ALA B 485 -19.12 -3.53 -9.15
CA ALA B 485 -18.50 -3.42 -10.46
C ALA B 485 -16.99 -3.18 -10.35
N PRO B 486 -16.20 -3.65 -11.34
CA PRO B 486 -14.74 -3.47 -11.32
C PRO B 486 -14.38 -1.98 -11.33
N GLY B 487 -13.31 -1.61 -10.63
CA GLY B 487 -12.89 -0.22 -10.55
C GLY B 487 -12.24 0.01 -9.21
N SER B 488 -12.56 1.14 -8.57
CA SER B 488 -12.02 1.46 -7.25
C SER B 488 -12.42 0.43 -6.19
N ASP B 489 -13.63 -0.11 -6.32
CA ASP B 489 -14.11 -1.11 -5.40
C ASP B 489 -12.95 -2.07 -5.07
N SER B 490 -12.72 -2.26 -3.78
CA SER B 490 -11.63 -3.09 -3.32
C SER B 490 -11.62 -4.55 -3.77
N ALA B 491 -12.79 -5.10 -4.11
CA ALA B 491 -12.86 -6.49 -4.48
C ALA B 491 -12.18 -6.86 -5.80
N TRP B 492 -12.02 -5.91 -6.69
CA TRP B 492 -11.42 -6.20 -8.00
C TRP B 492 -9.98 -5.78 -8.19
N LEU B 493 -9.23 -6.65 -8.85
CA LEU B 493 -7.80 -6.41 -9.13
C LEU B 493 -7.53 -6.34 -10.62
N LYS B 494 -6.94 -5.23 -11.07
CA LYS B 494 -6.58 -5.11 -12.49
C LYS B 494 -5.45 -6.10 -12.74
N VAL B 495 -5.64 -7.05 -13.67
CA VAL B 495 -4.59 -8.02 -13.98
C VAL B 495 -4.10 -8.03 -15.43
N GLY B 496 -4.85 -7.38 -16.31
CA GLY B 496 -4.44 -7.34 -17.71
C GLY B 496 -5.09 -6.22 -18.48
N ARG B 497 -4.64 -6.01 -19.71
CA ARG B 497 -5.20 -4.99 -20.59
C ARG B 497 -6.03 -5.66 -21.67
N VAL B 498 -7.13 -5.02 -22.05
CA VAL B 498 -8.02 -5.50 -23.09
C VAL B 498 -7.45 -5.05 -24.43
N ALA B 499 -7.42 -5.96 -25.41
CA ALA B 499 -6.91 -5.62 -26.74
C ALA B 499 -7.87 -4.64 -27.44
C1 GOL C . -16.10 -15.52 1.88
O1 GOL C . -14.81 -15.00 2.17
C2 GOL C . -16.88 -14.58 0.94
O2 GOL C . -16.14 -14.46 -0.27
C3 GOL C . -17.04 -13.20 1.61
O3 GOL C . -17.77 -12.32 0.74
C1 GOL D . -4.02 -11.32 13.94
O1 GOL D . -4.41 -9.96 14.12
C2 GOL D . -5.22 -12.24 14.21
O2 GOL D . -4.84 -13.61 14.02
C3 GOL D . -6.34 -11.88 13.25
O3 GOL D . -7.45 -12.72 13.47
C1 GOL E . -28.00 7.57 25.33
O1 GOL E . -29.37 7.35 25.42
C2 GOL E . -27.30 7.20 26.64
O2 GOL E . -27.86 7.96 27.72
C3 GOL E . -25.81 7.47 26.48
O3 GOL E . -25.12 7.15 27.67
C1 GOL F . -0.66 -9.58 4.42
O1 GOL F . -1.09 -8.56 5.32
C2 GOL F . 0.52 -10.41 4.96
O2 GOL F . 0.86 -11.41 3.99
C3 GOL F . 0.17 -11.15 6.27
O3 GOL F . -0.18 -10.25 7.32
C1 GOL G . -20.59 14.59 17.43
O1 GOL G . -20.30 14.19 16.11
C2 GOL G . -21.84 13.86 17.90
O2 GOL G . -22.93 14.18 17.03
C3 GOL G . -22.16 14.30 19.33
O3 GOL G . -21.05 13.96 20.18
C1 GOL H . -17.16 -5.92 -2.17
O1 GOL H . -17.54 -4.68 -2.76
C2 GOL H . -17.83 -6.03 -0.79
O2 GOL H . -17.40 -4.95 0.04
C3 GOL H . -17.46 -7.36 -0.14
O3 GOL H . -17.92 -8.44 -0.96
C1 GOL I . -51.56 9.90 15.45
O1 GOL I . -50.82 9.83 14.23
C2 GOL I . -51.55 11.34 15.95
O2 GOL I . -52.29 11.40 17.19
C3 GOL I . -52.21 12.26 14.92
O3 GOL I . -52.21 13.61 15.38
C1 GOL J . -41.29 -2.20 7.12
O1 GOL J . -41.18 -3.13 8.17
C2 GOL J . -40.89 -2.79 5.74
O2 GOL J . -41.03 -1.75 4.77
C3 GOL J . -41.78 -3.98 5.29
O3 GOL J . -41.75 -5.07 6.17
C1 GOL K . -32.52 -13.01 11.16
O1 GOL K . -33.58 -12.28 11.77
C2 GOL K . -31.67 -12.14 10.21
O2 GOL K . -32.48 -11.59 9.16
C3 GOL K . -30.57 -13.00 9.59
O3 GOL K . -29.75 -12.25 8.70
C1 GOL L . -18.68 -13.86 4.84
O1 GOL L . -18.13 -15.06 5.39
C2 GOL L . -19.20 -13.00 5.98
O2 GOL L . -20.21 -13.74 6.68
C3 GOL L . -19.78 -11.69 5.43
O3 GOL L . -18.77 -10.97 4.73
C1 GOL M . -40.06 -28.13 12.89
O1 GOL M . -39.54 -28.85 11.79
C2 GOL M . -40.71 -29.08 13.89
O2 GOL M . -41.23 -28.29 14.99
C3 GOL M . -39.70 -30.10 14.45
O3 GOL M . -39.16 -30.87 13.39
S SO4 N . -30.85 -8.14 38.62
O1 SO4 N . -30.80 -9.19 39.66
O2 SO4 N . -31.78 -8.56 37.55
O3 SO4 N . -31.32 -6.87 39.21
O4 SO4 N . -29.50 -7.96 38.07
S SO4 O . -10.84 8.02 21.43
O1 SO4 O . -10.13 8.07 22.73
O2 SO4 O . -11.13 6.62 21.07
O3 SO4 O . -12.09 8.81 21.52
O4 SO4 O . -9.97 8.64 20.39
N CHQ P . -31.24 -7.51 8.77
CA CHQ P . -30.68 -8.14 9.98
C CHQ P . -30.00 -7.14 10.92
O CHQ P . -29.31 -7.56 11.83
CB CHQ P . -29.64 -9.16 9.52
ND1 CHQ P . -27.18 -8.96 8.92
CE1 CHQ P . -26.48 -8.12 8.16
NE2 CHQ P . -27.23 -7.19 7.59
CD2 CHQ P . -28.46 -7.47 8.00
CG CHQ P . -28.44 -8.53 8.81
NP CHQ P . -30.17 -5.75 10.80
CAP CHQ P . -31.06 -5.18 9.78
CP CHQ P . -31.36 -6.12 8.60
OP CHQ P . -31.74 -5.68 7.52
CBP CHQ P . -30.24 -3.96 9.36
CGP CHQ P . -29.86 -3.42 10.74
CDP CHQ P . -29.41 -4.69 11.49
N CHQ Q . -26.43 -11.99 3.48
CA CHQ Q . -25.80 -10.92 4.25
C CHQ Q . -24.29 -11.17 4.32
O CHQ Q . -23.65 -10.86 5.32
CB CHQ Q . -26.39 -10.92 5.66
ND1 CHQ Q . -28.62 -11.58 4.61
CE1 CHQ Q . -29.88 -11.46 4.98
NE2 CHQ Q . -30.02 -10.84 6.15
CD2 CHQ Q . -28.77 -10.57 6.51
CG CHQ Q . -27.92 -11.01 5.59
NP CHQ Q . -23.62 -11.75 3.23
CAP CHQ Q . -24.39 -12.09 2.01
CP CHQ Q . -25.81 -12.52 2.34
OP CHQ Q . -26.42 -13.32 1.63
CBP CHQ Q . -23.53 -13.21 1.43
CGP CHQ Q . -22.14 -12.61 1.64
CDP CHQ Q . -22.21 -12.18 3.11
C1 GOL R . 19.52 5.73 0.85
O1 GOL R . 20.11 4.52 1.34
C2 GOL R . 18.04 5.76 1.23
O2 GOL R . 17.40 4.64 0.64
C3 GOL R . 17.37 7.04 0.71
O3 GOL R . 15.99 7.07 1.11
C1 GOL S . 24.15 8.02 -32.19
O1 GOL S . 23.10 8.90 -32.62
C2 GOL S . 23.67 7.23 -30.98
O2 GOL S . 24.71 6.37 -30.53
C3 GOL S . 22.44 6.39 -31.35
O3 GOL S . 21.38 7.22 -31.78
C1 GOL T . 49.77 -2.85 -2.92
O1 GOL T . 49.69 -2.31 -1.59
C2 GOL T . 51.21 -3.26 -3.24
O2 GOL T . 51.27 -3.78 -4.58
C3 GOL T . 51.67 -4.33 -2.23
O3 GOL T . 50.82 -5.48 -2.28
C1 GOL U . 11.66 -11.90 -8.27
O1 GOL U . 11.37 -11.01 -9.37
C2 GOL U . 13.17 -12.07 -8.12
O2 GOL U . 13.50 -13.00 -7.07
C3 GOL U . 13.77 -10.70 -7.84
O3 GOL U . 15.17 -10.81 -7.69
C1 GOL V . 22.62 12.56 -32.59
O1 GOL V . 23.01 11.22 -32.49
C2 GOL V . 21.12 12.65 -32.82
O2 GOL V . 20.73 14.02 -32.91
C3 GOL V . 20.37 12.01 -31.67
O3 GOL V . 18.97 12.12 -31.92
C1 GOL W . 12.42 15.04 -25.13
O1 GOL W . 13.06 16.22 -25.60
C2 GOL W . 12.37 14.01 -26.25
O2 GOL W . 11.69 12.82 -25.83
C3 GOL W . 13.80 13.67 -26.69
O3 GOL W . 13.72 12.68 -27.72
C1 GOL X . 21.10 -2.17 2.85
O1 GOL X . 19.81 -2.69 2.52
C2 GOL X . 21.03 -0.63 3.05
O2 GOL X . 20.10 -0.36 4.10
C3 GOL X . 20.56 0.06 1.77
O3 GOL X . 20.51 1.48 1.97
C1 GOL Y . 33.16 4.67 -5.90
O1 GOL Y . 32.01 4.12 -6.57
C2 GOL Y . 34.11 5.39 -6.88
O2 GOL Y . 33.39 6.44 -7.51
C3 GOL Y . 34.65 4.43 -7.96
O3 GOL Y . 35.55 5.13 -8.85
S SO4 Z . 37.80 -5.56 -33.54
O1 SO4 Z . 37.66 -4.63 -34.68
O2 SO4 Z . 36.44 -5.88 -33.02
O3 SO4 Z . 38.46 -6.80 -33.97
O4 SO4 Z . 38.60 -4.92 -32.47
S SO4 AA . 8.58 1.27 -25.11
O1 SO4 AA . 9.70 0.83 -24.23
O2 SO4 AA . 8.06 0.10 -25.85
O3 SO4 AA . 7.51 1.87 -24.30
O4 SO4 AA . 9.07 2.28 -26.08
S SO4 BA . -18.41 -11.52 -23.96
O1 SO4 BA . -17.36 -12.51 -24.27
O2 SO4 BA . -19.31 -12.08 -22.93
O3 SO4 BA . -17.79 -10.27 -23.48
O4 SO4 BA . -19.19 -11.22 -25.18
S SO4 CA . 50.83 5.66 -19.58
O1 SO4 CA . 50.12 6.53 -20.52
O2 SO4 CA . 50.09 5.56 -18.30
O3 SO4 CA . 50.96 4.32 -20.18
O4 SO4 CA . 52.18 6.22 -19.32
N CHQ DA . 30.48 8.66 -8.65
CA CHQ DA . 30.62 7.36 -9.33
C CHQ DA . 29.69 7.25 -10.55
O CHQ DA . 29.48 6.14 -11.04
CB CHQ DA . 30.25 6.25 -8.34
ND1 CHQ DA . 28.07 5.22 -7.57
CE1 CHQ DA . 26.88 5.70 -7.23
NE2 CHQ DA . 26.82 7.03 -7.32
CD2 CHQ DA . 28.03 7.38 -7.73
CG CHQ DA . 28.80 6.29 -7.88
NP CHQ DA . 29.07 8.36 -11.15
CAP CHQ DA . 29.33 9.72 -10.65
CP CHQ DA . 29.83 9.77 -9.21
OP CHQ DA . 29.71 10.79 -8.55
CBP CHQ DA . 27.94 10.33 -10.84
CGP CHQ DA . 27.65 9.85 -12.26
CDP CHQ DA . 28.04 8.37 -12.20
N CHQ EA . 28.45 5.64 -1.41
CA CHQ EA . 27.75 5.78 -2.69
C CHQ EA . 26.59 4.78 -2.76
O CHQ EA . 26.25 4.33 -3.86
CB CHQ EA . 28.73 5.50 -3.84
ND1 CHQ EA . 30.58 6.88 -2.75
CE1 CHQ EA . 31.57 7.62 -3.22
NE2 CHQ EA . 31.60 7.66 -4.55
CD2 CHQ EA . 30.56 6.91 -4.91
CG CHQ EA . 29.94 6.43 -3.82
NP CHQ EA . 25.90 4.39 -1.61
CAP CHQ EA . 26.27 4.98 -0.31
CP CHQ EA . 27.75 5.32 -0.23
OP CHQ EA . 28.33 5.33 0.86
CBP CHQ EA . 25.85 3.86 0.65
CGP CHQ EA . 24.50 3.48 0.03
CDP CHQ EA . 24.87 3.33 -1.46
#